data_8FRM
#
_entry.id   8FRM
#
_cell.length_a   1.00
_cell.length_b   1.00
_cell.length_c   1.00
_cell.angle_alpha   90.00
_cell.angle_beta   90.00
_cell.angle_gamma   90.00
#
_symmetry.space_group_name_H-M   'P 1'
#
loop_
_entity.id
_entity.type
_entity.pdbx_description
1 polymer 'Lipopolysaccharide export system ATP-binding protein LptB'
2 polymer 'Lipopolysaccharide export system permease protein LptF'
3 polymer 'LPS export ABC transporter permease LptG'
4 non-polymer '(2~{R},4~{R},5~{R},6~{R})-6-[(1~{R})-1,2-bis(oxidanyl)ethyl]-2-[(2~{R},4~{R},5~{R},6~{R})-6-[(1~{R})-1,2-bis(oxidanyl)ethyl]-5-[(2~{S},3~{S},4~{R},5~{R},6~{R})-6-[(1~{S})-1,2-bis(oxidanyl)ethyl]-4-[(2~{R},3~{S},4~{R},5~{S},6~{R})-6-[(1~{S})-2-[(2~{S},3~{S},4~{S},5~{S},6~{R})-6-[(1~{S})-1,2-bis(oxidanyl)ethyl]-3,4,5-tris(oxidanyl)oxan-2-yl]oxy-1-oxidanyl-ethyl]-3,4-bis(oxidanyl)-5-phosphonooxy-oxan-2-yl]oxy-3-oxidanyl-5-phosphonooxy-oxan-2-yl]oxy-2-carboxy-2-[[(2~{R},3~{S},4~{R},5~{R},6~{R})-5-[[(3~{R})-3-dodecanoyloxytetradecanoyl]amino]-6-[[(2~{R},3~{S},4~{R},5~{R},6~{R})-3-oxidanyl-5-[[(3~{R})-3-oxidanyltetradecanoyl]amino]-4-[(3~{R})-3-oxidanyltetradecanoyl]oxy-6-phosphonooxy-oxan-2-yl]methoxy]-3-phosphonooxy-4-[(3~{R})-3-tetradecanoyloxytetradecanoyl]oxy-oxan-2-yl]methoxy]oxan-4-yl]oxy-4,5-bis(oxidanyl)oxane-2-carboxylic acid'
#
loop_
_entity_poly.entity_id
_entity_poly.type
_entity_poly.pdbx_seq_one_letter_code
_entity_poly.pdbx_strand_id
1 'polypeptide(L)'
;MHHHHHHHMEQIAQQQPQTLCIKHLAKNYSKRWVVKDVSFEMQSGQIVGLLGPNGAGKTTSFYMVVGLVRMDKGEIHLDN
LDLSDLAMHERARKGIGYLPQEASIFRKLTIAENIMAILETRKDLNKQQRQQRLQELLNDFKITHIKDSLGMSVSGGERR
RAEIARALAADPKFMLLDEPFAGVDPISVGDIKDIIRNLKDRGIGVLITDHNVRETLAICEHAYIVSEGAVIAEGSPQDI
LENEQVRKVYLGDDFTV
;
A,B
2 'polypeptide(L)'
;MIIRRYLVKQVVSTSLVVIALLTLIMMGGRLIKYFGVAAQGRLDAGVLFSIIGYRMPEFLTLILPLGFFIGLMLVFGRLY
VDHEMAVLNGSGISRIRLGQLLIPLALVFLVIQGILMLWMTPWGLRQFDQLSSSQAVRTGFDLVRPKEFISSGPYTIYAG
DLSEDRKNLKDIFFYQRAQKEGKPDVMILAKEATRVVMENETANVVDLIQGRRYEIYPGKAKYSQAEFQRYRLRLENDKS
ATFETDKVEALPSSKLWNKWNDPVIASEMGWRVFGPFTIVIALMMAVALCEVSPRQGRYYRLIPAIFIFASLIVLLIAIR
TRISRDELGVWAYPAALAVYGIAAALFSRKQKLAPKIKKQIKRVRA
;
F
3 'polypeptide(L)'
;MLARRIVAKHVTKTTALAMLGTTIVLVILQVLFTYLGELSNLKADYSAWQAFLYVLWGAPRYLYEILPISALIGAILGLG
TLASNSELIVMRSVGISLWRIVGWVIRSALVLVLLSFALSEWVVPYTNERANSVKSHQSVAALGEVRGYWSREGQRFIYV
DYANSQGQLKRIQVVDFDDNYRLKSVTNAEQGQFVKDGQWLLNHSQQMAIQGQGDAVLANAAKQPFSLALQPKYVHMVTI
DPEDLSFSQLVSFMNYMREYSQVPKTYQLAFWKKVASPFALITLVLVACSFIFGPLRQQSMGFRLVIALFIGLGFYYLQD
FLGYASLVYNPSPAWFVLGPIVLMFVAGSYLLYRAR
;
G
#
# COMPACT_ATOMS: atom_id res chain seq x y z
N GLN A 18 -24.59 -10.16 -42.81
CA GLN A 18 -24.76 -9.44 -41.56
C GLN A 18 -23.99 -8.13 -41.59
N THR A 19 -24.55 -7.09 -40.97
CA THR A 19 -23.95 -5.76 -40.96
C THR A 19 -24.02 -5.20 -39.54
N LEU A 20 -22.93 -4.60 -39.09
CA LEU A 20 -22.92 -3.88 -37.82
C LEU A 20 -23.09 -2.41 -38.09
N CYS A 21 -24.19 -1.83 -37.63
CA CYS A 21 -24.54 -0.44 -37.90
C CYS A 21 -24.39 0.38 -36.63
N ILE A 22 -23.45 1.32 -36.64
CA ILE A 22 -23.21 2.22 -35.52
C ILE A 22 -23.63 3.62 -35.95
N LYS A 23 -24.47 4.26 -35.14
CA LYS A 23 -25.08 5.52 -35.52
C LYS A 23 -25.00 6.51 -34.37
N HIS A 24 -24.47 7.70 -34.65
CA HIS A 24 -24.57 8.87 -33.78
C HIS A 24 -24.04 8.61 -32.37
N LEU A 25 -22.86 7.98 -32.31
CA LEU A 25 -22.21 7.77 -31.02
C LEU A 25 -21.86 9.10 -30.38
N ALA A 26 -21.91 9.14 -29.06
CA ALA A 26 -21.53 10.33 -28.31
C ALA A 26 -21.13 9.91 -26.90
N LYS A 27 -20.22 10.68 -26.31
CA LYS A 27 -19.70 10.39 -24.98
C LYS A 27 -18.96 11.62 -24.49
N ASN A 28 -19.25 12.05 -23.27
CA ASN A 28 -18.59 13.21 -22.67
C ASN A 28 -17.78 12.80 -21.45
N TYR A 29 -16.62 13.42 -21.28
CA TYR A 29 -15.74 13.16 -20.14
C TYR A 29 -15.37 14.51 -19.51
N SER A 30 -15.62 14.64 -18.22
CA SER A 30 -15.37 15.88 -17.48
C SER A 30 -16.07 17.06 -18.15
N LYS A 31 -17.32 16.83 -18.53
CA LYS A 31 -18.16 17.84 -19.20
C LYS A 31 -17.54 18.31 -20.51
N ARG A 32 -16.78 17.44 -21.17
CA ARG A 32 -16.21 17.72 -22.48
C ARG A 32 -16.61 16.60 -23.43
N TRP A 33 -17.28 16.96 -24.52
CA TRP A 33 -17.76 15.97 -25.48
C TRP A 33 -16.58 15.39 -26.25
N VAL A 34 -16.05 14.26 -25.79
CA VAL A 34 -14.95 13.61 -26.48
C VAL A 34 -15.40 13.12 -27.84
N VAL A 35 -16.59 12.54 -27.91
CA VAL A 35 -17.14 11.97 -29.14
C VAL A 35 -18.46 12.66 -29.44
N LYS A 36 -18.60 13.14 -30.68
CA LYS A 36 -19.81 13.84 -31.12
C LYS A 36 -20.21 13.31 -32.48
N ASP A 37 -21.27 12.50 -32.53
CA ASP A 37 -21.87 12.05 -33.79
C ASP A 37 -20.85 11.29 -34.64
N VAL A 38 -20.44 10.14 -34.11
CA VAL A 38 -19.63 9.17 -34.84
C VAL A 38 -20.55 8.05 -35.31
N SER A 39 -20.60 7.83 -36.61
CA SER A 39 -21.47 6.82 -37.19
C SER A 39 -20.76 6.13 -38.34
N PHE A 40 -20.70 4.80 -38.29
CA PHE A 40 -20.08 4.03 -39.35
C PHE A 40 -20.75 2.66 -39.43
N GLU A 41 -20.59 2.02 -40.59
CA GLU A 41 -21.20 0.73 -40.85
C GLU A 41 -20.11 -0.27 -41.23
N MET A 42 -20.16 -1.45 -40.62
CA MET A 42 -19.20 -2.52 -40.89
C MET A 42 -19.96 -3.80 -41.18
N GLN A 43 -19.61 -4.47 -42.28
CA GLN A 43 -20.26 -5.70 -42.68
C GLN A 43 -19.38 -6.90 -42.33
N SER A 44 -19.98 -8.08 -42.35
CA SER A 44 -19.24 -9.31 -42.12
C SER A 44 -18.31 -9.60 -43.29
N GLY A 45 -17.08 -10.00 -42.98
CA GLY A 45 -16.10 -10.25 -43.99
C GLY A 45 -15.44 -9.00 -44.56
N GLN A 46 -15.59 -7.86 -43.90
CA GLN A 46 -15.04 -6.59 -44.37
C GLN A 46 -14.14 -6.00 -43.29
N ILE A 47 -12.94 -5.60 -43.68
CA ILE A 47 -11.99 -4.98 -42.78
C ILE A 47 -12.24 -3.47 -42.80
N VAL A 48 -12.59 -2.91 -41.65
CA VAL A 48 -12.88 -1.49 -41.51
C VAL A 48 -11.93 -0.91 -40.48
N GLY A 49 -11.25 0.18 -40.85
CA GLY A 49 -10.29 0.81 -39.97
C GLY A 49 -10.84 2.09 -39.39
N LEU A 50 -10.88 2.15 -38.06
CA LEU A 50 -11.38 3.32 -37.33
C LEU A 50 -10.15 4.16 -36.93
N LEU A 51 -9.79 5.09 -37.79
CA LEU A 51 -8.59 5.91 -37.63
C LEU A 51 -8.96 7.34 -37.28
N GLY A 52 -7.94 8.17 -37.12
CA GLY A 52 -8.11 9.56 -36.79
C GLY A 52 -6.98 10.08 -35.96
N PRO A 53 -6.97 11.39 -35.69
CA PRO A 53 -5.94 11.96 -34.83
C PRO A 53 -5.99 11.37 -33.43
N ASN A 54 -4.82 11.30 -32.81
CA ASN A 54 -4.73 10.70 -31.48
C ASN A 54 -5.51 11.53 -30.46
N GLY A 55 -6.35 10.86 -29.68
CA GLY A 55 -7.15 11.53 -28.68
C GLY A 55 -8.31 12.32 -29.22
N ALA A 56 -8.64 12.19 -30.50
CA ALA A 56 -9.73 12.94 -31.11
C ALA A 56 -11.07 12.23 -30.99
N GLY A 57 -11.10 11.06 -30.35
CA GLY A 57 -12.35 10.33 -30.16
C GLY A 57 -12.46 9.02 -30.90
N LYS A 58 -11.40 8.58 -31.59
CA LYS A 58 -11.47 7.29 -32.26
C LYS A 58 -11.38 6.14 -31.27
N THR A 59 -10.57 6.28 -30.22
CA THR A 59 -10.46 5.23 -29.22
C THR A 59 -11.73 5.12 -28.38
N THR A 60 -12.31 6.26 -28.00
CA THR A 60 -13.56 6.24 -27.24
C THR A 60 -14.70 5.67 -28.08
N SER A 61 -14.76 6.02 -29.36
CA SER A 61 -15.75 5.43 -30.24
C SER A 61 -15.56 3.94 -30.39
N PHE A 62 -14.30 3.50 -30.52
CA PHE A 62 -14.02 2.07 -30.59
C PHE A 62 -14.48 1.36 -29.32
N TYR A 63 -14.23 1.95 -28.16
CA TYR A 63 -14.63 1.33 -26.91
C TYR A 63 -16.14 1.31 -26.74
N MET A 64 -16.83 2.37 -27.16
CA MET A 64 -18.29 2.32 -27.13
C MET A 64 -18.84 1.24 -28.04
N VAL A 65 -18.18 0.99 -29.18
CA VAL A 65 -18.58 -0.13 -30.02
C VAL A 65 -18.32 -1.45 -29.30
N VAL A 66 -17.17 -1.59 -28.65
CA VAL A 66 -16.87 -2.82 -27.93
C VAL A 66 -17.78 -2.97 -26.71
N GLY A 67 -17.89 -1.91 -25.90
CA GLY A 67 -18.68 -1.96 -24.70
C GLY A 67 -17.90 -1.66 -23.43
N LEU A 68 -16.63 -1.32 -23.56
CA LEU A 68 -15.82 -0.99 -22.39
C LEU A 68 -16.35 0.25 -21.68
N VAL A 69 -16.71 1.28 -22.44
CA VAL A 69 -17.20 2.53 -21.89
C VAL A 69 -18.67 2.68 -22.26
N ARG A 70 -19.47 3.15 -21.30
CA ARG A 70 -20.90 3.23 -21.52
C ARG A 70 -21.24 4.32 -22.53
N MET A 71 -22.14 3.99 -23.44
CA MET A 71 -22.61 4.93 -24.46
C MET A 71 -23.44 6.04 -23.81
N ASP A 72 -23.40 7.23 -24.42
CA ASP A 72 -24.25 8.33 -23.97
C ASP A 72 -25.36 8.68 -24.94
N LYS A 73 -25.12 8.59 -26.25
CA LYS A 73 -26.13 8.86 -27.25
C LYS A 73 -25.88 7.93 -28.44
N GLY A 74 -26.91 7.68 -29.22
CA GLY A 74 -26.77 6.88 -30.42
C GLY A 74 -27.30 5.47 -30.23
N GLU A 75 -26.93 4.61 -31.19
CA GLU A 75 -27.43 3.22 -31.20
C GLU A 75 -26.48 2.34 -32.00
N ILE A 76 -26.29 1.09 -31.59
CA ILE A 76 -25.43 0.11 -32.32
C ILE A 76 -26.32 -1.05 -32.69
N HIS A 77 -26.50 -1.32 -33.98
CA HIS A 77 -27.43 -2.38 -34.42
C HIS A 77 -26.72 -3.48 -35.21
N LEU A 78 -27.27 -4.68 -35.23
CA LEU A 78 -26.73 -5.82 -35.98
C LEU A 78 -27.91 -6.50 -36.66
N ASP A 79 -28.23 -6.05 -37.87
CA ASP A 79 -29.37 -6.57 -38.64
C ASP A 79 -30.67 -6.42 -37.83
N ASN A 80 -31.05 -5.16 -37.64
CA ASN A 80 -32.24 -4.75 -36.89
C ASN A 80 -32.31 -5.46 -35.53
N LEU A 81 -31.16 -5.57 -34.88
CA LEU A 81 -31.06 -6.11 -33.53
C LEU A 81 -30.27 -5.09 -32.71
N ASP A 82 -30.95 -4.44 -31.76
CA ASP A 82 -30.30 -3.41 -30.96
C ASP A 82 -29.27 -4.02 -30.03
N LEU A 83 -28.07 -3.44 -30.02
CA LEU A 83 -27.01 -3.81 -29.07
C LEU A 83 -26.59 -2.65 -28.19
N SER A 84 -27.27 -1.51 -28.26
CA SER A 84 -26.87 -0.35 -27.45
C SER A 84 -27.09 -0.63 -25.97
N ASP A 85 -28.19 -1.29 -25.61
CA ASP A 85 -28.49 -1.59 -24.22
C ASP A 85 -27.79 -2.84 -23.70
N LEU A 86 -27.29 -3.70 -24.59
CA LEU A 86 -26.63 -4.93 -24.16
C LEU A 86 -25.27 -4.63 -23.55
N ALA A 87 -24.87 -5.44 -22.58
CA ALA A 87 -23.57 -5.29 -21.96
C ALA A 87 -22.49 -5.89 -22.86
N MET A 88 -21.24 -5.86 -22.38
CA MET A 88 -20.14 -6.42 -23.15
C MET A 88 -20.32 -7.91 -23.38
N HIS A 89 -20.74 -8.64 -22.35
CA HIS A 89 -20.91 -10.09 -22.50
C HIS A 89 -22.18 -10.42 -23.28
N GLU A 90 -23.19 -9.57 -23.23
CA GLU A 90 -24.41 -9.81 -23.99
C GLU A 90 -24.19 -9.62 -25.48
N ARG A 91 -23.33 -8.67 -25.87
CA ARG A 91 -22.96 -8.53 -27.27
C ARG A 91 -22.07 -9.67 -27.73
N ALA A 92 -21.22 -10.19 -26.84
CA ALA A 92 -20.29 -11.24 -27.22
C ALA A 92 -21.02 -12.51 -27.66
N ARG A 93 -22.17 -12.79 -27.05
CA ARG A 93 -22.97 -13.92 -27.50
C ARG A 93 -23.73 -13.62 -28.77
N LYS A 94 -23.80 -12.35 -29.17
CA LYS A 94 -24.45 -11.99 -30.43
C LYS A 94 -23.51 -12.08 -31.63
N GLY A 95 -22.21 -12.23 -31.40
CA GLY A 95 -21.26 -12.37 -32.49
C GLY A 95 -20.26 -11.24 -32.59
N ILE A 96 -19.89 -10.64 -31.47
CA ILE A 96 -18.91 -9.56 -31.44
C ILE A 96 -17.77 -9.99 -30.53
N GLY A 97 -16.55 -9.97 -31.07
CA GLY A 97 -15.37 -10.33 -30.30
C GLY A 97 -14.50 -9.14 -29.98
N TYR A 98 -13.60 -9.30 -29.00
CA TYR A 98 -12.70 -8.22 -28.61
C TYR A 98 -11.32 -8.79 -28.38
N LEU A 99 -10.31 -8.12 -28.94
CA LEU A 99 -8.91 -8.50 -28.74
C LEU A 99 -8.17 -7.29 -28.15
N PRO A 100 -7.89 -7.30 -26.86
CA PRO A 100 -7.21 -6.15 -26.25
C PRO A 100 -5.81 -5.98 -26.81
N GLN A 101 -5.36 -4.72 -26.86
CA GLN A 101 -4.01 -4.44 -27.33
C GLN A 101 -2.96 -5.06 -26.42
N GLU A 102 -3.16 -4.96 -25.11
CA GLU A 102 -2.22 -5.51 -24.16
C GLU A 102 -2.35 -7.04 -24.12
N ALA A 103 -1.37 -7.68 -23.48
CA ALA A 103 -1.40 -9.13 -23.34
C ALA A 103 -2.60 -9.56 -22.52
N SER A 104 -3.56 -10.24 -23.17
CA SER A 104 -4.78 -10.67 -22.52
C SER A 104 -4.87 -12.19 -22.40
N ILE A 105 -3.75 -12.88 -22.60
CA ILE A 105 -3.74 -14.33 -22.44
C ILE A 105 -3.85 -14.67 -20.96
N PHE A 106 -4.51 -15.79 -20.66
CA PHE A 106 -4.57 -16.28 -19.29
C PHE A 106 -3.18 -16.74 -18.89
N ARG A 107 -2.53 -16.00 -18.00
CA ARG A 107 -1.10 -16.15 -17.79
C ARG A 107 -0.75 -17.56 -17.31
N LYS A 108 -1.49 -18.09 -16.33
CA LYS A 108 -1.17 -19.35 -15.72
C LYS A 108 -1.96 -20.51 -16.30
N LEU A 109 -2.58 -20.31 -17.47
CA LEU A 109 -3.30 -21.36 -18.17
C LEU A 109 -2.56 -21.70 -19.46
N THR A 110 -2.52 -22.98 -19.78
CA THR A 110 -1.85 -23.44 -20.99
C THR A 110 -2.55 -22.89 -22.22
N ILE A 111 -1.81 -22.78 -23.32
CA ILE A 111 -2.39 -22.25 -24.57
C ILE A 111 -3.53 -23.13 -25.04
N ALA A 112 -3.33 -24.46 -25.01
CA ALA A 112 -4.45 -25.36 -25.29
C ALA A 112 -5.58 -25.15 -24.31
N GLU A 113 -5.24 -24.98 -23.02
CA GLU A 113 -6.26 -24.65 -22.03
C GLU A 113 -6.84 -23.26 -22.26
N ASN A 114 -6.05 -22.31 -22.77
CA ASN A 114 -6.59 -20.99 -23.08
C ASN A 114 -7.68 -21.08 -24.13
N ILE A 115 -7.43 -21.81 -25.22
CA ILE A 115 -8.44 -21.96 -26.25
C ILE A 115 -9.61 -22.80 -25.75
N MET A 116 -9.33 -23.83 -24.97
CA MET A 116 -10.39 -24.73 -24.53
C MET A 116 -11.32 -24.07 -23.51
N ALA A 117 -10.80 -23.16 -22.69
CA ALA A 117 -11.65 -22.47 -21.73
C ALA A 117 -12.74 -21.66 -22.42
N ILE A 118 -12.48 -21.20 -23.63
CA ILE A 118 -13.51 -20.50 -24.40
C ILE A 118 -14.28 -21.46 -25.30
N LEU A 119 -13.68 -22.57 -25.71
CA LEU A 119 -14.40 -23.56 -26.50
C LEU A 119 -15.48 -24.25 -25.66
N GLU A 120 -15.23 -24.43 -24.36
CA GLU A 120 -16.21 -25.10 -23.51
C GLU A 120 -17.45 -24.25 -23.27
N THR A 121 -17.36 -22.94 -23.44
CA THR A 121 -18.53 -22.09 -23.27
C THR A 121 -19.49 -22.22 -24.43
N ARG A 122 -19.02 -22.70 -25.58
CA ARG A 122 -19.89 -22.88 -26.73
C ARG A 122 -20.92 -23.97 -26.43
N LYS A 123 -22.19 -23.65 -26.70
CA LYS A 123 -23.28 -24.57 -26.40
C LYS A 123 -23.56 -25.54 -27.55
N ASP A 124 -23.03 -25.29 -28.74
CA ASP A 124 -23.32 -26.10 -29.91
C ASP A 124 -22.21 -27.10 -30.22
N LEU A 125 -21.28 -27.32 -29.29
CA LEU A 125 -20.20 -28.28 -29.47
C LEU A 125 -20.17 -29.24 -28.29
N ASN A 126 -19.96 -30.52 -28.59
CA ASN A 126 -19.72 -31.53 -27.57
C ASN A 126 -18.22 -31.78 -27.44
N LYS A 127 -17.85 -32.68 -26.54
CA LYS A 127 -16.44 -32.95 -26.29
C LYS A 127 -15.74 -33.45 -27.55
N GLN A 128 -16.38 -34.36 -28.27
CA GLN A 128 -15.79 -34.92 -29.48
C GLN A 128 -15.56 -33.84 -30.53
N GLN A 129 -16.46 -32.88 -30.63
CA GLN A 129 -16.30 -31.76 -31.54
C GLN A 129 -15.44 -30.65 -30.96
N ARG A 130 -15.48 -30.45 -29.65
CA ARG A 130 -14.65 -29.42 -29.02
C ARG A 130 -13.17 -29.75 -29.16
N GLN A 131 -12.79 -31.01 -28.96
CA GLN A 131 -11.38 -31.39 -29.12
C GLN A 131 -10.92 -31.24 -30.56
N GLN A 132 -11.76 -31.62 -31.52
CA GLN A 132 -11.41 -31.45 -32.93
C GLN A 132 -11.26 -29.97 -33.28
N ARG A 133 -12.16 -29.13 -32.77
CA ARG A 133 -12.06 -27.70 -33.03
C ARG A 133 -10.80 -27.11 -32.40
N LEU A 134 -10.45 -27.55 -31.19
CA LEU A 134 -9.22 -27.07 -30.56
C LEU A 134 -8.00 -27.49 -31.37
N GLN A 135 -7.97 -28.73 -31.84
CA GLN A 135 -6.85 -29.19 -32.64
C GLN A 135 -6.75 -28.40 -33.93
N GLU A 136 -7.88 -28.15 -34.59
CA GLU A 136 -7.90 -27.36 -35.81
C GLU A 136 -7.45 -25.92 -35.57
N LEU A 137 -7.88 -25.31 -34.48
CA LEU A 137 -7.47 -23.95 -34.16
C LEU A 137 -5.99 -23.86 -33.89
N LEU A 138 -5.44 -24.84 -33.15
CA LEU A 138 -4.00 -24.86 -32.90
C LEU A 138 -3.23 -25.07 -34.19
N ASN A 139 -3.74 -25.92 -35.09
CA ASN A 139 -3.03 -26.18 -36.34
C ASN A 139 -3.07 -24.99 -37.28
N ASP A 140 -4.20 -24.27 -37.33
CA ASP A 140 -4.34 -23.16 -38.26
C ASP A 140 -3.46 -21.97 -37.90
N PHE A 141 -3.12 -21.81 -36.62
CA PHE A 141 -2.27 -20.71 -36.18
C PHE A 141 -0.85 -21.16 -35.86
N LYS A 142 -0.50 -22.41 -36.19
CA LYS A 142 0.86 -22.93 -36.04
C LYS A 142 1.35 -22.78 -34.59
N ILE A 143 0.46 -23.05 -33.64
CA ILE A 143 0.82 -23.06 -32.23
C ILE A 143 0.66 -24.45 -31.62
N THR A 144 0.52 -25.48 -32.44
CA THR A 144 0.41 -26.84 -31.93
C THR A 144 1.69 -27.33 -31.28
N HIS A 145 2.85 -26.77 -31.67
CA HIS A 145 4.10 -27.17 -31.04
C HIS A 145 4.25 -26.57 -29.65
N ILE A 146 3.62 -25.43 -29.39
CA ILE A 146 3.76 -24.72 -28.13
C ILE A 146 2.46 -24.79 -27.33
N LYS A 147 1.59 -25.73 -27.69
CA LYS A 147 0.27 -25.85 -27.07
C LYS A 147 0.32 -26.34 -25.63
N ASP A 148 1.48 -26.81 -25.15
CA ASP A 148 1.60 -27.36 -23.81
C ASP A 148 2.34 -26.42 -22.85
N SER A 149 2.56 -25.17 -23.25
CA SER A 149 3.27 -24.21 -22.42
C SER A 149 2.29 -23.19 -21.84
N LEU A 150 2.69 -22.58 -20.73
CA LEU A 150 1.85 -21.60 -20.07
C LEU A 150 1.73 -20.34 -20.92
N GLY A 151 0.67 -19.58 -20.67
CA GLY A 151 0.43 -18.36 -21.43
C GLY A 151 1.50 -17.30 -21.20
N MET A 152 2.07 -17.25 -20.01
CA MET A 152 3.06 -16.24 -19.66
C MET A 152 4.48 -16.63 -20.08
N SER A 153 4.67 -17.80 -20.67
CA SER A 153 5.98 -18.30 -21.04
C SER A 153 6.09 -18.52 -22.54
N VAL A 154 5.57 -17.57 -23.33
CA VAL A 154 5.59 -17.65 -24.77
C VAL A 154 6.05 -16.31 -25.34
N SER A 155 6.47 -16.33 -26.61
CA SER A 155 6.90 -15.13 -27.28
C SER A 155 5.71 -14.22 -27.58
N GLY A 156 6.01 -12.96 -27.90
CA GLY A 156 4.95 -12.01 -28.20
C GLY A 156 4.14 -12.42 -29.41
N GLY A 157 4.80 -12.83 -30.49
CA GLY A 157 4.07 -13.28 -31.67
C GLY A 157 3.27 -14.54 -31.41
N GLU A 158 3.86 -15.52 -30.73
CA GLU A 158 3.13 -16.72 -30.37
C GLU A 158 1.98 -16.42 -29.44
N ARG A 159 2.19 -15.51 -28.47
CA ARG A 159 1.11 -15.15 -27.56
C ARG A 159 -0.05 -14.49 -28.31
N ARG A 160 0.27 -13.58 -29.25
CA ARG A 160 -0.81 -12.93 -30.00
C ARG A 160 -1.53 -13.92 -30.91
N ARG A 161 -0.79 -14.85 -31.52
CA ARG A 161 -1.45 -15.88 -32.31
C ARG A 161 -2.37 -16.74 -31.45
N ALA A 162 -1.92 -17.09 -30.23
CA ALA A 162 -2.76 -17.85 -29.30
C ALA A 162 -4.00 -17.06 -28.88
N GLU A 163 -3.86 -15.75 -28.65
CA GLU A 163 -5.02 -14.94 -28.32
C GLU A 163 -6.02 -14.85 -29.47
N ILE A 164 -5.53 -14.71 -30.70
CA ILE A 164 -6.43 -14.69 -31.84
C ILE A 164 -7.11 -16.04 -32.03
N ALA A 165 -6.39 -17.14 -31.80
CA ALA A 165 -7.02 -18.45 -31.87
C ALA A 165 -8.07 -18.61 -30.78
N ARG A 166 -7.78 -18.13 -29.58
CA ARG A 166 -8.74 -18.20 -28.48
C ARG A 166 -9.99 -17.39 -28.80
N ALA A 167 -9.82 -16.22 -29.41
CA ALA A 167 -10.97 -15.38 -29.73
C ALA A 167 -11.84 -16.04 -30.79
N LEU A 168 -11.24 -16.76 -31.73
CA LEU A 168 -12.01 -17.50 -32.72
C LEU A 168 -12.76 -18.67 -32.11
N ALA A 169 -12.30 -19.17 -30.96
CA ALA A 169 -13.00 -20.28 -30.30
C ALA A 169 -14.40 -19.86 -29.88
N ALA A 170 -14.59 -18.59 -29.54
CA ALA A 170 -15.92 -18.08 -29.24
C ALA A 170 -16.80 -17.95 -30.47
N ASP A 171 -16.24 -18.15 -31.66
CA ASP A 171 -16.91 -18.02 -32.95
C ASP A 171 -17.56 -16.65 -33.07
N PRO A 172 -16.77 -15.58 -33.20
CA PRO A 172 -17.34 -14.25 -33.39
C PRO A 172 -17.70 -14.01 -34.84
N LYS A 173 -18.67 -13.11 -35.04
CA LYS A 173 -19.05 -12.67 -36.37
C LYS A 173 -18.38 -11.36 -36.76
N PHE A 174 -18.05 -10.53 -35.78
CA PHE A 174 -17.30 -9.30 -36.00
C PHE A 174 -16.16 -9.23 -35.00
N MET A 175 -14.98 -8.86 -35.48
CA MET A 175 -13.78 -8.73 -34.66
C MET A 175 -13.45 -7.26 -34.48
N LEU A 176 -13.19 -6.85 -33.24
CA LEU A 176 -12.82 -5.48 -32.92
C LEU A 176 -11.38 -5.49 -32.40
N LEU A 177 -10.43 -5.36 -33.31
CA LEU A 177 -9.02 -5.40 -32.96
C LEU A 177 -8.57 -4.03 -32.46
N ASP A 178 -8.00 -4.01 -31.26
CA ASP A 178 -7.51 -2.78 -30.64
C ASP A 178 -6.00 -2.73 -30.78
N GLU A 179 -5.50 -1.75 -31.53
CA GLU A 179 -4.07 -1.52 -31.69
C GLU A 179 -3.33 -2.80 -32.11
N PRO A 180 -3.68 -3.40 -33.25
CA PRO A 180 -3.02 -4.67 -33.62
C PRO A 180 -1.56 -4.50 -33.99
N PHE A 181 -1.21 -3.42 -34.70
CA PHE A 181 0.18 -3.16 -35.06
C PHE A 181 0.84 -2.25 -34.02
N ALA A 182 0.82 -2.70 -32.77
CA ALA A 182 1.38 -1.95 -31.66
C ALA A 182 2.59 -2.70 -31.12
N GLY A 183 3.73 -2.02 -31.06
CA GLY A 183 4.96 -2.67 -30.63
C GLY A 183 5.36 -3.82 -31.51
N VAL A 184 5.18 -3.66 -32.82
CA VAL A 184 5.42 -4.73 -33.79
C VAL A 184 6.49 -4.26 -34.76
N ASP A 185 7.53 -5.07 -34.90
CA ASP A 185 8.59 -4.75 -35.86
C ASP A 185 8.06 -4.86 -37.28
N PRO A 186 8.72 -4.21 -38.25
CA PRO A 186 8.32 -4.39 -39.64
C PRO A 186 8.45 -5.82 -40.12
N ILE A 187 9.22 -6.67 -39.43
CA ILE A 187 9.30 -8.08 -39.79
C ILE A 187 7.99 -8.80 -39.47
N SER A 188 7.32 -8.42 -38.38
CA SER A 188 6.10 -9.08 -37.94
C SER A 188 4.82 -8.36 -38.38
N VAL A 189 4.95 -7.14 -38.91
CA VAL A 189 3.76 -6.44 -39.38
C VAL A 189 3.12 -7.21 -40.53
N GLY A 190 3.94 -7.83 -41.38
CA GLY A 190 3.38 -8.65 -42.45
C GLY A 190 2.65 -9.87 -41.94
N ASP A 191 3.17 -10.51 -40.89
CA ASP A 191 2.47 -11.64 -40.29
C ASP A 191 1.14 -11.21 -39.71
N ILE A 192 1.09 -10.04 -39.08
CA ILE A 192 -0.18 -9.55 -38.58
C ILE A 192 -1.15 -9.21 -39.72
N LYS A 193 -0.62 -8.67 -40.82
CA LYS A 193 -1.46 -8.46 -42.01
C LYS A 193 -2.05 -9.78 -42.48
N ASP A 194 -1.24 -10.83 -42.53
CA ASP A 194 -1.72 -12.14 -42.95
C ASP A 194 -2.79 -12.67 -42.00
N ILE A 195 -2.60 -12.45 -40.69
CA ILE A 195 -3.60 -12.88 -39.71
C ILE A 195 -4.93 -12.17 -39.95
N ILE A 196 -4.88 -10.86 -40.15
CA ILE A 196 -6.12 -10.09 -40.33
C ILE A 196 -6.78 -10.45 -41.66
N ARG A 197 -5.98 -10.69 -42.70
CA ARG A 197 -6.53 -11.13 -43.97
C ARG A 197 -7.18 -12.51 -43.83
N ASN A 198 -6.60 -13.38 -43.01
CA ASN A 198 -7.21 -14.68 -42.75
C ASN A 198 -8.53 -14.53 -42.02
N LEU A 199 -8.59 -13.61 -41.05
CA LEU A 199 -9.85 -13.33 -40.38
C LEU A 199 -10.90 -12.82 -41.36
N LYS A 200 -10.49 -11.95 -42.29
CA LYS A 200 -11.42 -11.50 -43.33
C LYS A 200 -11.91 -12.67 -44.18
N ASP A 201 -10.98 -13.52 -44.63
CA ASP A 201 -11.33 -14.66 -45.47
C ASP A 201 -12.11 -15.73 -44.71
N ARG A 202 -12.15 -15.64 -43.38
CA ARG A 202 -12.89 -16.58 -42.55
C ARG A 202 -14.36 -16.17 -42.40
N GLY A 203 -14.75 -15.05 -43.00
CA GLY A 203 -16.11 -14.57 -42.87
C GLY A 203 -16.34 -13.66 -41.68
N ILE A 204 -15.28 -13.12 -41.10
CA ILE A 204 -15.36 -12.29 -39.90
C ILE A 204 -14.99 -10.86 -40.26
N GLY A 205 -15.92 -9.94 -40.06
CA GLY A 205 -15.60 -8.54 -40.19
C GLY A 205 -14.65 -8.10 -39.10
N VAL A 206 -13.71 -7.23 -39.46
CA VAL A 206 -12.66 -6.79 -38.56
C VAL A 206 -12.70 -5.28 -38.46
N LEU A 207 -12.80 -4.76 -37.23
CA LEU A 207 -12.69 -3.34 -36.97
C LEU A 207 -11.35 -3.07 -36.31
N ILE A 208 -10.56 -2.20 -36.92
CA ILE A 208 -9.20 -1.90 -36.47
C ILE A 208 -9.12 -0.43 -36.08
N THR A 209 -8.73 -0.17 -34.85
CA THR A 209 -8.30 1.16 -34.42
C THR A 209 -6.81 1.07 -34.14
N ASP A 210 -6.05 2.02 -34.68
CA ASP A 210 -4.60 1.91 -34.58
C ASP A 210 -3.96 3.26 -34.83
N HIS A 211 -2.85 3.49 -34.12
CA HIS A 211 -2.02 4.66 -34.38
C HIS A 211 -1.18 4.49 -35.64
N ASN A 212 -0.79 3.27 -35.95
CA ASN A 212 0.03 2.97 -37.12
C ASN A 212 -0.87 3.02 -38.36
N VAL A 213 -1.15 4.24 -38.81
CA VAL A 213 -2.09 4.45 -39.91
C VAL A 213 -1.52 3.92 -41.23
N ARG A 214 -0.20 3.97 -41.41
CA ARG A 214 0.38 3.59 -42.69
C ARG A 214 0.17 2.11 -42.98
N GLU A 215 0.26 1.26 -41.96
CA GLU A 215 0.01 -0.16 -42.16
C GLU A 215 -1.45 -0.54 -41.93
N THR A 216 -2.20 0.26 -41.18
CA THR A 216 -3.63 0.02 -41.05
C THR A 216 -4.34 0.22 -42.38
N LEU A 217 -3.93 1.24 -43.14
CA LEU A 217 -4.54 1.51 -44.43
C LEU A 217 -4.15 0.51 -45.50
N ALA A 218 -3.23 -0.41 -45.21
CA ALA A 218 -2.77 -1.37 -46.20
C ALA A 218 -3.64 -2.61 -46.29
N ILE A 219 -4.58 -2.82 -45.37
CA ILE A 219 -5.43 -4.01 -45.41
C ILE A 219 -6.91 -3.63 -45.39
N CYS A 220 -7.23 -2.49 -44.79
CA CYS A 220 -8.63 -2.09 -44.68
C CYS A 220 -9.12 -1.55 -46.02
N GLU A 221 -10.31 -1.98 -46.42
CA GLU A 221 -10.93 -1.47 -47.63
C GLU A 221 -11.97 -0.40 -47.36
N HIS A 222 -12.11 0.04 -46.11
CA HIS A 222 -13.01 1.13 -45.78
C HIS A 222 -12.56 1.71 -44.45
N ALA A 223 -12.05 2.94 -44.47
CA ALA A 223 -11.49 3.58 -43.30
C ALA A 223 -12.33 4.79 -42.90
N TYR A 224 -12.55 4.96 -41.61
CA TYR A 224 -13.28 6.09 -41.06
C TYR A 224 -12.33 6.94 -40.23
N ILE A 225 -12.25 8.23 -40.54
CA ILE A 225 -11.34 9.15 -39.88
C ILE A 225 -12.13 9.97 -38.87
N VAL A 226 -11.84 9.79 -37.59
CA VAL A 226 -12.58 10.45 -36.51
C VAL A 226 -11.71 11.58 -35.98
N SER A 227 -12.09 12.81 -36.31
CA SER A 227 -11.39 14.00 -35.83
C SER A 227 -12.37 14.95 -35.16
N GLU A 228 -11.91 15.54 -34.05
CA GLU A 228 -12.73 16.45 -33.25
C GLU A 228 -14.01 15.76 -32.78
N GLY A 229 -13.94 14.46 -32.56
CA GLY A 229 -15.08 13.71 -32.06
C GLY A 229 -16.10 13.30 -33.11
N ALA A 230 -15.88 13.62 -34.37
CA ALA A 230 -16.82 13.31 -35.43
C ALA A 230 -16.09 12.71 -36.62
N VAL A 231 -16.82 11.90 -37.39
CA VAL A 231 -16.26 11.27 -38.59
C VAL A 231 -16.18 12.31 -39.69
N ILE A 232 -14.99 12.54 -40.21
CA ILE A 232 -14.78 13.53 -41.27
C ILE A 232 -14.48 12.92 -42.61
N ALA A 233 -14.28 11.61 -42.69
CA ALA A 233 -13.95 10.97 -43.96
C ALA A 233 -14.35 9.50 -43.90
N GLU A 234 -14.52 8.92 -45.08
CA GLU A 234 -14.87 7.51 -45.22
C GLU A 234 -14.56 7.03 -46.63
N GLY A 235 -14.29 5.75 -46.79
CA GLY A 235 -14.05 5.17 -48.08
C GLY A 235 -12.76 4.40 -48.09
N SER A 236 -12.32 4.02 -49.29
CA SER A 236 -11.11 3.25 -49.45
C SER A 236 -9.90 4.08 -49.04
N PRO A 237 -8.79 3.42 -48.70
CA PRO A 237 -7.59 4.18 -48.29
C PRO A 237 -7.11 5.15 -49.35
N GLN A 238 -7.31 4.86 -50.63
CA GLN A 238 -6.95 5.82 -51.67
C GLN A 238 -7.76 7.10 -51.52
N ASP A 239 -9.06 6.97 -51.24
CA ASP A 239 -9.90 8.14 -51.02
C ASP A 239 -9.43 8.92 -49.80
N ILE A 240 -9.09 8.23 -48.71
CA ILE A 240 -8.61 8.91 -47.51
C ILE A 240 -7.32 9.67 -47.81
N LEU A 241 -6.39 9.04 -48.52
CA LEU A 241 -5.12 9.70 -48.84
C LEU A 241 -5.34 10.91 -49.74
N GLU A 242 -6.24 10.81 -50.72
CA GLU A 242 -6.53 11.94 -51.58
C GLU A 242 -7.38 13.01 -50.90
N ASN A 243 -7.94 12.72 -49.73
CA ASN A 243 -8.82 13.68 -49.07
C ASN A 243 -8.02 14.86 -48.53
N GLU A 244 -8.49 16.07 -48.81
CA GLU A 244 -7.82 17.27 -48.32
C GLU A 244 -8.06 17.49 -46.83
N GLN A 245 -9.27 17.21 -46.34
CA GLN A 245 -9.57 17.42 -44.93
C GLN A 245 -8.71 16.53 -44.04
N VAL A 246 -8.54 15.26 -44.42
CA VAL A 246 -7.69 14.37 -43.63
C VAL A 246 -6.23 14.81 -43.71
N ARG A 247 -5.76 15.14 -44.90
CA ARG A 247 -4.37 15.56 -45.07
C ARG A 247 -4.09 16.90 -44.43
N LYS A 248 -5.11 17.66 -44.05
CA LYS A 248 -4.91 18.92 -43.35
C LYS A 248 -4.84 18.76 -41.84
N VAL A 249 -5.51 17.74 -41.30
CA VAL A 249 -5.59 17.58 -39.85
C VAL A 249 -4.84 16.35 -39.34
N TYR A 250 -4.80 15.25 -40.10
CA TYR A 250 -4.24 14.00 -39.63
C TYR A 250 -3.01 13.56 -40.39
N LEU A 251 -3.10 13.41 -41.72
CA LEU A 251 -2.04 12.74 -42.46
C LEU A 251 -0.94 13.68 -42.94
N GLY A 252 -1.21 14.97 -43.05
CA GLY A 252 -0.21 15.93 -43.48
C GLY A 252 -0.06 16.00 -44.98
N ASP A 253 0.73 16.97 -45.42
CA ASP A 253 0.95 17.17 -46.85
C ASP A 253 1.71 16.02 -47.47
N ASP A 254 2.72 15.51 -46.76
CA ASP A 254 3.57 14.42 -47.27
C ASP A 254 3.24 13.16 -46.49
N PHE A 255 2.62 12.19 -47.17
CA PHE A 255 2.28 10.91 -46.57
C PHE A 255 2.02 9.90 -47.68
N THR A 256 2.50 8.68 -47.47
CA THR A 256 2.28 7.60 -48.44
C THR A 256 2.37 6.24 -47.75
N GLN B 18 32.75 16.75 -27.94
CA GLN B 18 32.54 15.80 -26.87
C GLN B 18 32.04 14.47 -27.41
N THR B 19 32.60 13.38 -26.93
CA THR B 19 32.29 12.04 -27.41
C THR B 19 31.81 11.17 -26.25
N LEU B 20 30.66 10.53 -26.44
CA LEU B 20 30.10 9.64 -25.42
C LEU B 20 30.38 8.20 -25.86
N CYS B 21 31.58 7.72 -25.56
CA CYS B 21 31.93 6.35 -25.86
C CYS B 21 31.23 5.40 -24.90
N ILE B 22 30.59 4.38 -25.44
CA ILE B 22 29.90 3.36 -24.65
C ILE B 22 30.37 2.00 -25.16
N LYS B 23 30.91 1.20 -24.25
CA LYS B 23 31.60 -0.03 -24.63
C LYS B 23 31.05 -1.22 -23.86
N HIS B 24 30.68 -2.27 -24.60
CA HIS B 24 30.42 -3.60 -24.04
C HIS B 24 29.37 -3.57 -22.94
N LEU B 25 28.24 -2.94 -23.20
CA LEU B 25 27.13 -3.00 -22.25
C LEU B 25 26.61 -4.42 -22.14
N ALA B 26 26.16 -4.78 -20.95
CA ALA B 26 25.60 -6.10 -20.73
C ALA B 26 24.73 -6.06 -19.49
N LYS B 27 23.59 -6.75 -19.55
CA LYS B 27 22.64 -6.78 -18.45
C LYS B 27 21.87 -8.09 -18.53
N ASN B 28 21.63 -8.71 -17.37
CA ASN B 28 20.91 -9.97 -17.31
C ASN B 28 19.65 -9.83 -16.44
N TYR B 29 18.60 -10.52 -16.86
CA TYR B 29 17.32 -10.49 -16.17
C TYR B 29 16.82 -11.93 -16.05
N SER B 30 16.54 -12.36 -14.82
CA SER B 30 16.10 -13.72 -14.55
C SER B 30 17.08 -14.74 -15.12
N LYS B 31 18.38 -14.47 -14.93
CA LYS B 31 19.46 -15.31 -15.43
C LYS B 31 19.44 -15.42 -16.96
N ARG B 32 18.85 -14.43 -17.63
CA ARG B 32 18.86 -14.36 -19.09
C ARG B 32 19.47 -13.03 -19.49
N TRP B 33 20.52 -13.08 -20.30
CA TRP B 33 21.28 -11.88 -20.66
C TRP B 33 20.51 -11.15 -21.76
N VAL B 34 19.72 -10.16 -21.35
CA VAL B 34 18.94 -9.39 -22.33
C VAL B 34 19.86 -8.57 -23.23
N VAL B 35 20.96 -8.08 -22.69
CA VAL B 35 21.93 -7.28 -23.43
C VAL B 35 23.28 -7.97 -23.34
N LYS B 36 23.91 -8.19 -24.50
CA LYS B 36 25.20 -8.88 -24.57
C LYS B 36 26.10 -8.08 -25.50
N ASP B 37 27.01 -7.28 -24.93
CA ASP B 37 28.03 -6.56 -25.69
C ASP B 37 27.41 -5.59 -26.69
N VAL B 38 26.69 -4.61 -26.16
CA VAL B 38 26.23 -3.46 -26.93
C VAL B 38 27.23 -2.34 -26.75
N SER B 39 27.77 -1.82 -27.85
CA SER B 39 28.74 -0.75 -27.82
C SER B 39 28.46 0.22 -28.94
N PHE B 40 28.44 1.52 -28.61
CA PHE B 40 28.26 2.56 -29.61
C PHE B 40 28.84 3.85 -29.08
N GLU B 41 29.12 4.77 -30.01
CA GLU B 41 29.74 6.04 -29.68
C GLU B 41 28.90 7.17 -30.25
N MET B 42 29.05 8.37 -29.69
CA MET B 42 28.25 9.52 -30.05
C MET B 42 29.09 10.78 -29.99
N GLN B 43 28.67 11.81 -30.72
CA GLN B 43 29.33 13.10 -30.68
C GLN B 43 28.29 14.18 -30.40
N SER B 44 28.76 15.30 -29.84
CA SER B 44 27.89 16.43 -29.59
C SER B 44 27.39 17.03 -30.90
N GLY B 45 26.12 17.39 -30.92
CA GLY B 45 25.51 17.88 -32.15
C GLY B 45 25.39 16.82 -33.23
N GLN B 46 25.07 15.59 -32.84
CA GLN B 46 24.91 14.50 -33.78
C GLN B 46 23.77 13.62 -33.31
N ILE B 47 22.82 13.33 -34.20
CA ILE B 47 21.66 12.53 -33.87
C ILE B 47 21.98 11.07 -34.15
N VAL B 48 21.90 10.24 -33.11
CA VAL B 48 22.18 8.81 -33.21
C VAL B 48 20.93 8.06 -32.80
N GLY B 49 20.47 7.15 -33.65
CA GLY B 49 19.29 6.36 -33.38
C GLY B 49 19.64 4.97 -32.95
N LEU B 50 19.20 4.60 -31.75
CA LEU B 50 19.41 3.27 -31.19
C LEU B 50 18.16 2.45 -31.47
N LEU B 51 18.19 1.70 -32.57
CA LEU B 51 17.03 0.96 -33.06
C LEU B 51 17.25 -0.54 -32.91
N GLY B 52 16.19 -1.29 -33.24
CA GLY B 52 16.25 -2.73 -33.17
C GLY B 52 14.89 -3.34 -32.88
N PRO B 53 14.80 -4.67 -32.93
CA PRO B 53 13.53 -5.34 -32.62
C PRO B 53 13.13 -5.12 -31.17
N ASN B 54 11.81 -5.13 -30.93
CA ASN B 54 11.32 -4.97 -29.58
C ASN B 54 11.80 -6.10 -28.69
N GLY B 55 12.30 -5.75 -27.50
CA GLY B 55 12.81 -6.74 -26.57
C GLY B 55 14.16 -7.31 -26.91
N ALA B 56 14.83 -6.79 -27.94
CA ALA B 56 16.14 -7.30 -28.34
C ALA B 56 17.28 -6.60 -27.62
N GLY B 57 17.00 -5.66 -26.74
CA GLY B 57 18.02 -4.97 -25.99
C GLY B 57 18.22 -3.51 -26.31
N LYS B 58 17.37 -2.91 -27.15
CA LYS B 58 17.52 -1.48 -27.40
C LYS B 58 17.03 -0.66 -26.21
N THR B 59 15.90 -1.05 -25.62
CA THR B 59 15.37 -0.32 -24.47
C THR B 59 16.29 -0.46 -23.26
N THR B 60 16.76 -1.67 -22.99
CA THR B 60 17.61 -1.88 -21.83
C THR B 60 18.97 -1.18 -22.00
N SER B 61 19.53 -1.24 -23.21
CA SER B 61 20.78 -0.53 -23.46
C SER B 61 20.59 0.98 -23.35
N PHE B 62 19.48 1.49 -23.87
CA PHE B 62 19.18 2.91 -23.72
C PHE B 62 19.09 3.30 -22.26
N TYR B 63 18.39 2.49 -21.45
CA TYR B 63 18.25 2.79 -20.03
C TYR B 63 19.58 2.71 -19.30
N MET B 64 20.43 1.74 -19.63
CA MET B 64 21.76 1.71 -19.03
C MET B 64 22.59 2.92 -19.42
N VAL B 65 22.40 3.45 -20.62
CA VAL B 65 23.06 4.72 -20.97
C VAL B 65 22.52 5.84 -20.09
N VAL B 66 21.20 5.92 -19.93
CA VAL B 66 20.62 6.96 -19.07
C VAL B 66 21.05 6.76 -17.63
N GLY B 67 20.87 5.54 -17.12
CA GLY B 67 21.21 5.25 -15.74
C GLY B 67 20.09 4.63 -14.94
N LEU B 68 18.91 4.47 -15.56
CA LEU B 68 17.80 3.83 -14.86
C LEU B 68 18.11 2.39 -14.50
N VAL B 69 18.73 1.65 -15.43
CA VAL B 69 19.04 0.25 -15.24
C VAL B 69 20.51 0.14 -14.87
N ARG B 70 20.80 -0.55 -13.78
CA ARG B 70 22.18 -0.73 -13.35
C ARG B 70 22.95 -1.58 -14.34
N MET B 71 24.22 -1.25 -14.52
CA MET B 71 25.05 -1.85 -15.54
C MET B 71 25.78 -3.06 -14.96
N ASP B 72 25.51 -4.25 -15.50
CA ASP B 72 26.25 -5.43 -15.06
C ASP B 72 27.65 -5.46 -15.61
N LYS B 73 27.82 -5.08 -16.89
CA LYS B 73 29.11 -5.04 -17.53
C LYS B 73 29.15 -3.88 -18.51
N GLY B 74 30.31 -3.23 -18.61
CA GLY B 74 30.46 -2.19 -19.60
C GLY B 74 31.07 -0.90 -19.09
N GLU B 75 31.38 0.01 -20.01
CA GLU B 75 31.96 1.30 -19.67
C GLU B 75 31.28 2.39 -20.46
N ILE B 76 31.03 3.52 -19.82
CA ILE B 76 30.50 4.72 -20.47
C ILE B 76 31.49 5.84 -20.22
N HIS B 77 31.98 6.45 -21.29
CA HIS B 77 32.94 7.55 -21.20
C HIS B 77 32.35 8.80 -21.82
N LEU B 78 32.74 9.95 -21.29
CA LEU B 78 32.37 11.25 -21.85
C LEU B 78 33.62 12.11 -21.79
N ASP B 79 34.42 12.06 -22.85
CA ASP B 79 35.71 12.74 -22.91
C ASP B 79 36.61 12.28 -21.76
N ASN B 80 36.98 11.00 -21.84
CA ASN B 80 37.78 10.26 -20.87
C ASN B 80 37.36 10.51 -19.42
N LEU B 81 36.05 10.65 -19.20
CA LEU B 81 35.47 10.79 -17.86
C LEU B 81 34.48 9.64 -17.67
N ASP B 82 34.84 8.68 -16.82
CA ASP B 82 34.07 7.46 -16.69
C ASP B 82 32.76 7.72 -15.96
N LEU B 83 31.65 7.51 -16.65
CA LEU B 83 30.31 7.63 -16.08
C LEU B 83 29.69 6.27 -15.75
N SER B 84 30.46 5.19 -15.86
CA SER B 84 29.90 3.86 -15.66
C SER B 84 29.44 3.65 -14.22
N ASP B 85 30.22 4.14 -13.26
CA ASP B 85 29.90 3.94 -11.85
C ASP B 85 29.05 5.05 -11.25
N LEU B 86 28.75 6.11 -11.99
CA LEU B 86 27.94 7.19 -11.47
C LEU B 86 26.46 6.80 -11.49
N ALA B 87 25.66 7.57 -10.76
CA ALA B 87 24.22 7.34 -10.69
C ALA B 87 23.54 8.18 -11.77
N MET B 88 22.21 8.08 -11.84
CA MET B 88 21.46 8.81 -12.87
C MET B 88 21.62 10.31 -12.70
N HIS B 89 21.53 10.80 -11.45
CA HIS B 89 21.66 12.23 -11.21
C HIS B 89 23.10 12.71 -11.35
N GLU B 90 24.08 11.86 -11.05
CA GLU B 90 25.47 12.25 -11.22
C GLU B 90 25.86 12.36 -12.68
N ARG B 91 25.31 11.50 -13.54
CA ARG B 91 25.54 11.63 -14.97
C ARG B 91 24.86 12.89 -15.52
N ALA B 92 23.65 13.17 -15.04
CA ALA B 92 22.92 14.36 -15.50
C ALA B 92 23.66 15.63 -15.15
N ARG B 93 24.39 15.64 -14.04
CA ARG B 93 25.21 16.80 -13.70
C ARG B 93 26.43 16.92 -14.59
N LYS B 94 26.80 15.84 -15.30
CA LYS B 94 27.90 15.88 -16.25
C LYS B 94 27.47 16.32 -17.64
N GLY B 95 26.16 16.41 -17.90
CA GLY B 95 25.68 16.91 -19.17
C GLY B 95 24.88 15.90 -19.98
N ILE B 96 24.20 14.99 -19.31
CA ILE B 96 23.38 13.97 -19.96
C ILE B 96 21.93 14.24 -19.60
N GLY B 97 21.09 14.46 -20.61
CA GLY B 97 19.69 14.72 -20.38
C GLY B 97 18.82 13.54 -20.73
N TYR B 98 17.64 13.44 -20.11
CA TYR B 98 16.72 12.35 -20.37
C TYR B 98 15.32 12.90 -20.48
N LEU B 99 14.59 12.48 -21.52
CA LEU B 99 13.20 12.88 -21.73
C LEU B 99 12.33 11.63 -21.78
N PRO B 100 11.57 11.35 -20.72
CA PRO B 100 10.77 10.12 -20.69
C PRO B 100 9.70 10.10 -21.77
N GLN B 101 9.37 8.90 -22.22
CA GLN B 101 8.28 8.73 -23.18
C GLN B 101 6.96 9.18 -22.59
N GLU B 102 6.69 8.82 -21.35
CA GLU B 102 5.44 9.15 -20.70
C GLU B 102 5.41 10.64 -20.32
N ALA B 103 4.25 11.10 -19.88
CA ALA B 103 4.09 12.48 -19.45
C ALA B 103 4.82 12.70 -18.14
N SER B 104 5.90 13.47 -18.18
CA SER B 104 6.76 13.70 -17.02
C SER B 104 6.77 15.15 -16.58
N ILE B 105 5.77 15.93 -16.99
CA ILE B 105 5.68 17.31 -16.54
C ILE B 105 5.25 17.34 -15.08
N PHE B 106 5.69 18.36 -14.35
CA PHE B 106 5.22 18.56 -12.99
C PHE B 106 3.79 19.07 -13.04
N ARG B 107 2.84 18.23 -12.62
CA ARG B 107 1.43 18.49 -12.88
C ARG B 107 0.96 19.77 -12.20
N LYS B 108 1.37 19.99 -10.95
CA LYS B 108 0.85 21.10 -10.17
C LYS B 108 1.67 22.38 -10.29
N LEU B 109 2.69 22.40 -11.14
CA LEU B 109 3.50 23.58 -11.38
C LEU B 109 3.20 24.14 -12.77
N THR B 110 3.19 25.46 -12.88
CA THR B 110 2.96 26.09 -14.17
C THR B 110 4.15 25.81 -15.10
N ILE B 111 3.92 26.03 -16.40
CA ILE B 111 4.95 25.73 -17.39
C ILE B 111 6.19 26.58 -17.14
N ALA B 112 6.00 27.88 -16.89
CA ALA B 112 7.13 28.73 -16.54
C ALA B 112 7.78 28.26 -15.24
N GLU B 113 6.98 27.83 -14.27
CA GLU B 113 7.55 27.26 -13.06
C GLU B 113 8.26 25.94 -13.35
N ASN B 114 7.76 25.15 -14.30
CA ASN B 114 8.46 23.92 -14.68
C ASN B 114 9.85 24.23 -15.22
N ILE B 115 9.95 25.24 -16.07
CA ILE B 115 11.25 25.58 -16.64
C ILE B 115 12.16 26.22 -15.60
N MET B 116 11.63 27.12 -14.76
CA MET B 116 12.45 27.75 -13.74
C MET B 116 12.89 26.78 -12.66
N ALA B 117 12.09 25.74 -12.40
CA ALA B 117 12.45 24.77 -11.37
C ALA B 117 13.78 24.11 -11.67
N ILE B 118 14.11 23.96 -12.96
CA ILE B 118 15.39 23.40 -13.35
C ILE B 118 16.43 24.51 -13.56
N LEU B 119 15.99 25.71 -13.92
CA LEU B 119 16.93 26.81 -14.09
C LEU B 119 17.54 27.23 -12.77
N GLU B 120 16.79 27.12 -11.67
CA GLU B 120 17.36 27.40 -10.36
C GLU B 120 18.40 26.37 -9.96
N THR B 121 18.36 25.17 -10.53
CA THR B 121 19.39 24.18 -10.28
C THR B 121 20.73 24.62 -10.86
N ARG B 122 20.71 25.40 -11.93
CA ARG B 122 21.95 25.87 -12.54
C ARG B 122 22.73 26.75 -11.57
N LYS B 123 24.04 26.49 -11.49
CA LYS B 123 24.90 27.23 -10.57
C LYS B 123 25.58 28.41 -11.22
N ASP B 124 25.74 28.39 -12.55
CA ASP B 124 26.38 29.47 -13.27
C ASP B 124 25.40 30.55 -13.74
N LEU B 125 24.15 30.50 -13.26
CA LEU B 125 23.14 31.48 -13.63
C LEU B 125 22.62 32.16 -12.36
N ASN B 126 22.56 33.48 -12.38
CA ASN B 126 22.02 34.23 -11.26
C ASN B 126 20.55 34.58 -11.53
N LYS B 127 19.95 35.26 -10.55
CA LYS B 127 18.54 35.61 -10.66
C LYS B 127 18.26 36.53 -11.84
N GLN B 128 19.22 37.39 -12.18
CA GLN B 128 19.00 38.36 -13.25
C GLN B 128 18.90 37.67 -14.61
N GLN B 129 19.77 36.69 -14.87
CA GLN B 129 19.77 36.02 -16.16
C GLN B 129 18.90 34.77 -16.18
N ARG B 130 18.49 34.25 -15.04
CA ARG B 130 17.58 33.10 -15.04
C ARG B 130 16.25 33.44 -15.69
N GLN B 131 15.78 34.65 -15.46
CA GLN B 131 14.52 35.08 -16.11
C GLN B 131 14.79 35.17 -17.61
N GLN B 132 16.01 35.54 -18.00
CA GLN B 132 16.31 35.72 -19.45
C GLN B 132 16.05 34.38 -20.14
N ARG B 133 16.64 33.31 -19.61
CA ARG B 133 16.45 31.96 -20.20
C ARG B 133 14.97 31.57 -20.14
N LEU B 134 14.29 31.65 -19.01
CA LEU B 134 12.86 31.24 -19.05
C LEU B 134 12.13 32.11 -20.06
N GLN B 135 12.68 33.25 -20.46
CA GLN B 135 12.03 34.09 -21.51
C GLN B 135 12.42 33.55 -22.89
N GLU B 136 13.68 33.19 -23.08
CA GLU B 136 14.12 32.61 -24.35
C GLU B 136 13.70 31.16 -24.52
N LEU B 137 13.66 30.38 -23.43
CA LEU B 137 13.21 28.99 -23.54
C LEU B 137 11.73 28.93 -23.86
N LEU B 138 10.93 29.82 -23.28
CA LEU B 138 9.51 29.88 -23.60
C LEU B 138 9.29 30.32 -25.05
N ASN B 139 10.06 31.31 -25.51
CA ASN B 139 9.87 31.80 -26.87
C ASN B 139 10.35 30.81 -27.92
N ASP B 140 11.44 30.08 -27.63
CA ASP B 140 12.00 29.15 -28.61
C ASP B 140 11.03 28.02 -28.92
N PHE B 141 10.32 27.52 -27.91
CA PHE B 141 9.43 26.39 -28.08
C PHE B 141 7.97 26.81 -28.21
N LYS B 142 7.70 28.11 -28.36
CA LYS B 142 6.35 28.63 -28.59
C LYS B 142 5.38 28.17 -27.51
N ILE B 143 5.82 28.27 -26.26
CA ILE B 143 4.97 27.96 -25.11
C ILE B 143 4.80 29.17 -24.20
N THR B 144 4.99 30.38 -24.74
CA THR B 144 4.81 31.59 -23.94
C THR B 144 3.34 31.78 -23.56
N HIS B 145 2.42 31.45 -24.47
CA HIS B 145 1.01 31.67 -24.21
C HIS B 145 0.48 30.77 -23.10
N ILE B 146 1.19 29.71 -22.75
CA ILE B 146 0.78 28.81 -21.67
C ILE B 146 1.77 28.87 -20.51
N LYS B 147 2.55 29.95 -20.40
CA LYS B 147 3.53 30.04 -19.32
C LYS B 147 2.88 30.13 -17.95
N ASP B 148 1.63 30.58 -17.87
CA ASP B 148 0.92 30.67 -16.60
C ASP B 148 -0.03 29.49 -16.37
N SER B 149 -0.09 28.54 -17.29
CA SER B 149 -1.01 27.41 -17.17
C SER B 149 -0.31 26.22 -16.51
N LEU B 150 -1.08 25.46 -15.74
CA LEU B 150 -0.55 24.29 -15.06
C LEU B 150 -0.10 23.25 -16.08
N GLY B 151 0.91 22.46 -15.69
CA GLY B 151 1.41 21.43 -16.58
C GLY B 151 0.43 20.29 -16.81
N MET B 152 -0.54 20.12 -15.92
CA MET B 152 -1.54 19.07 -16.06
C MET B 152 -2.72 19.49 -16.92
N SER B 153 -2.74 20.74 -17.40
CA SER B 153 -3.86 21.23 -18.19
C SER B 153 -3.39 21.82 -19.51
N VAL B 154 -2.52 21.12 -20.21
CA VAL B 154 -2.04 21.54 -21.52
C VAL B 154 -2.11 20.36 -22.47
N SER B 155 -2.08 20.66 -23.76
CA SER B 155 -2.18 19.64 -24.79
C SER B 155 -0.91 18.79 -24.82
N GLY B 156 -1.01 17.64 -25.49
CA GLY B 156 0.13 16.74 -25.56
C GLY B 156 1.34 17.35 -26.23
N GLY B 157 1.13 18.03 -27.36
CA GLY B 157 2.25 18.65 -28.05
C GLY B 157 2.88 19.79 -27.25
N GLU B 158 2.04 20.64 -26.66
CA GLU B 158 2.55 21.73 -25.84
C GLU B 158 3.24 21.19 -24.59
N ARG B 159 2.68 20.15 -23.98
CA ARG B 159 3.34 19.54 -22.82
C ARG B 159 4.68 18.95 -23.20
N ARG B 160 4.77 18.30 -24.36
CA ARG B 160 6.05 17.76 -24.80
C ARG B 160 7.06 18.86 -25.08
N ARG B 161 6.62 19.96 -25.70
CA ARG B 161 7.52 21.09 -25.92
C ARG B 161 7.99 21.69 -24.60
N ALA B 162 7.11 21.81 -23.62
CA ALA B 162 7.51 22.32 -22.31
C ALA B 162 8.43 21.36 -21.59
N GLU B 163 8.26 20.05 -21.77
CA GLU B 163 9.19 19.09 -21.18
C GLU B 163 10.56 19.19 -21.82
N ILE B 164 10.62 19.37 -23.13
CA ILE B 164 11.92 19.51 -23.80
C ILE B 164 12.58 20.83 -23.42
N ALA B 165 11.81 21.90 -23.29
CA ALA B 165 12.36 23.16 -22.82
C ALA B 165 12.85 23.05 -21.39
N ARG B 166 12.12 22.32 -20.55
CA ARG B 166 12.55 22.10 -19.17
C ARG B 166 13.84 21.28 -19.13
N ALA B 167 13.95 20.27 -19.99
CA ALA B 167 15.17 19.46 -20.03
C ALA B 167 16.36 20.29 -20.50
N LEU B 168 16.15 21.18 -21.46
CA LEU B 168 17.22 22.06 -21.93
C LEU B 168 17.62 23.10 -20.90
N ALA B 169 16.79 23.34 -19.88
CA ALA B 169 17.14 24.29 -18.85
C ALA B 169 18.32 23.80 -18.01
N ALA B 170 18.55 22.49 -17.98
CA ALA B 170 19.68 21.92 -17.26
C ALA B 170 20.96 21.98 -18.06
N ASP B 171 20.92 22.50 -19.29
CA ASP B 171 22.07 22.61 -20.18
C ASP B 171 22.74 21.27 -20.39
N PRO B 172 22.09 20.32 -21.05
CA PRO B 172 22.72 19.02 -21.29
C PRO B 172 23.60 19.05 -22.53
N LYS B 173 24.56 18.14 -22.56
CA LYS B 173 25.37 17.93 -23.75
C LYS B 173 24.84 16.81 -24.63
N PHE B 174 24.15 15.83 -24.02
CA PHE B 174 23.55 14.73 -24.76
C PHE B 174 22.13 14.56 -24.26
N MET B 175 21.15 14.71 -25.15
CA MET B 175 19.75 14.54 -24.80
C MET B 175 19.29 13.17 -25.29
N LEU B 176 19.01 12.28 -24.34
CA LEU B 176 18.60 10.91 -24.66
C LEU B 176 17.09 10.87 -24.71
N LEU B 177 16.53 10.92 -25.92
CA LEU B 177 15.09 10.93 -26.12
C LEU B 177 14.56 9.50 -26.14
N ASP B 178 13.54 9.24 -25.33
CA ASP B 178 12.89 7.93 -25.25
C ASP B 178 11.56 8.02 -25.97
N GLU B 179 11.45 7.29 -27.08
CA GLU B 179 10.21 7.20 -27.85
C GLU B 179 9.65 8.58 -28.21
N PRO B 180 10.41 9.41 -28.93
CA PRO B 180 9.90 10.75 -29.24
C PRO B 180 8.71 10.74 -30.20
N PHE B 181 8.70 9.85 -31.17
CA PHE B 181 7.57 9.71 -32.09
C PHE B 181 6.59 8.65 -31.62
N ALA B 182 6.14 8.76 -30.37
CA ALA B 182 5.21 7.80 -29.78
C ALA B 182 3.83 8.44 -29.70
N GLY B 183 2.85 7.80 -30.35
CA GLY B 183 1.52 8.37 -30.38
C GLY B 183 1.46 9.73 -31.04
N VAL B 184 2.24 9.92 -32.10
CA VAL B 184 2.34 11.19 -32.80
C VAL B 184 1.76 11.02 -34.19
N ASP B 185 0.79 11.87 -34.54
CA ASP B 185 0.14 11.79 -35.83
C ASP B 185 1.12 12.17 -36.93
N PRO B 186 0.88 11.69 -38.17
CA PRO B 186 1.76 12.08 -39.28
C PRO B 186 1.78 13.57 -39.55
N ILE B 187 0.76 14.31 -39.12
CA ILE B 187 0.80 15.76 -39.25
C ILE B 187 1.84 16.38 -38.31
N SER B 188 1.97 15.83 -37.10
CA SER B 188 2.84 16.40 -36.08
C SER B 188 4.16 15.67 -35.94
N VAL B 189 4.45 14.69 -36.81
CA VAL B 189 5.77 14.08 -36.79
C VAL B 189 6.82 15.06 -37.28
N GLY B 190 6.45 15.94 -38.22
CA GLY B 190 7.37 16.97 -38.66
C GLY B 190 7.75 17.94 -37.58
N ASP B 191 6.82 18.23 -36.66
CA ASP B 191 7.14 19.10 -35.53
C ASP B 191 8.19 18.47 -34.62
N ILE B 192 8.06 17.18 -34.34
CA ILE B 192 9.04 16.48 -33.52
C ILE B 192 10.38 16.43 -34.24
N LYS B 193 10.36 16.20 -35.55
CA LYS B 193 11.60 16.21 -36.32
C LYS B 193 12.28 17.57 -36.26
N ASP B 194 11.50 18.65 -36.37
CA ASP B 194 12.07 19.99 -36.27
C ASP B 194 12.63 20.25 -34.88
N ILE B 195 11.95 19.77 -33.85
CA ILE B 195 12.46 19.95 -32.48
C ILE B 195 13.80 19.23 -32.33
N ILE B 196 13.89 18.00 -32.83
CA ILE B 196 15.12 17.24 -32.68
C ILE B 196 16.24 17.86 -33.50
N ARG B 197 15.92 18.36 -34.70
CA ARG B 197 16.93 19.04 -35.50
C ARG B 197 17.40 20.32 -34.83
N ASN B 198 16.50 21.06 -34.20
CA ASN B 198 16.89 22.25 -33.45
C ASN B 198 17.77 21.89 -32.26
N LEU B 199 17.47 20.77 -31.60
CA LEU B 199 18.36 20.29 -30.55
C LEU B 199 19.74 19.99 -31.09
N LYS B 200 19.82 19.36 -32.27
CA LYS B 200 21.12 19.08 -32.86
C LYS B 200 21.86 20.38 -33.19
N ASP B 201 21.16 21.36 -33.75
CA ASP B 201 21.80 22.63 -34.11
C ASP B 201 22.21 23.44 -32.89
N ARG B 202 21.68 23.11 -31.72
CA ARG B 202 22.04 23.80 -30.48
C ARG B 202 23.30 23.24 -29.83
N GLY B 203 23.96 22.28 -30.48
CA GLY B 203 25.15 21.68 -29.92
C GLY B 203 24.91 20.52 -28.98
N ILE B 204 23.75 19.88 -29.07
CA ILE B 204 23.38 18.77 -28.19
C ILE B 204 23.28 17.51 -29.03
N GLY B 205 24.04 16.49 -28.66
CA GLY B 205 23.86 15.18 -29.27
C GLY B 205 22.57 14.54 -28.81
N VAL B 206 21.94 13.78 -29.68
CA VAL B 206 20.64 13.18 -29.43
C VAL B 206 20.74 11.68 -29.60
N LEU B 207 20.26 10.94 -28.62
CA LEU B 207 20.12 9.48 -28.70
C LEU B 207 18.64 9.15 -28.71
N ILE B 208 18.19 8.46 -29.76
CA ILE B 208 16.77 8.15 -29.95
C ILE B 208 16.62 6.65 -29.98
N THR B 209 15.78 6.12 -29.09
CA THR B 209 15.28 4.76 -29.19
C THR B 209 13.79 4.84 -29.50
N ASP B 210 13.36 4.11 -30.52
CA ASP B 210 12.00 4.27 -30.98
C ASP B 210 11.54 3.04 -31.72
N HIS B 211 10.29 2.65 -31.46
CA HIS B 211 9.63 1.63 -32.27
C HIS B 211 9.37 2.12 -33.69
N ASN B 212 9.12 3.41 -33.86
CA ASN B 212 8.78 3.97 -35.16
C ASN B 212 10.09 4.21 -35.91
N VAL B 213 10.54 3.16 -36.61
CA VAL B 213 11.82 3.21 -37.32
C VAL B 213 11.75 3.97 -38.63
N ARG B 214 10.55 4.15 -39.21
CA ARG B 214 10.44 4.78 -40.52
C ARG B 214 10.90 6.24 -40.48
N GLU B 215 10.53 6.90 -39.38
CA GLU B 215 10.81 8.34 -39.23
C GLU B 215 12.11 8.52 -38.45
N THR B 216 12.40 7.59 -37.53
CA THR B 216 13.64 7.68 -36.77
C THR B 216 14.85 7.59 -37.69
N LEU B 217 14.78 6.77 -38.73
CA LEU B 217 15.83 6.64 -39.72
C LEU B 217 15.86 7.79 -40.71
N ALA B 218 15.00 8.79 -40.55
CA ALA B 218 14.98 9.94 -41.44
C ALA B 218 15.66 11.18 -40.88
N ILE B 219 16.00 11.18 -39.59
CA ILE B 219 16.64 12.33 -38.97
C ILE B 219 17.99 11.95 -38.39
N CYS B 220 18.15 10.68 -38.03
CA CYS B 220 19.42 10.24 -37.46
C CYS B 220 20.47 10.13 -38.56
N GLU B 221 21.65 10.67 -38.30
CA GLU B 221 22.75 10.58 -39.25
C GLU B 221 23.67 9.40 -38.98
N HIS B 222 23.38 8.60 -37.95
CA HIS B 222 24.15 7.39 -37.67
C HIS B 222 23.31 6.52 -36.76
N ALA B 223 22.90 5.35 -37.25
CA ALA B 223 21.95 4.50 -36.55
C ALA B 223 22.61 3.19 -36.13
N TYR B 224 22.24 2.72 -34.94
CA TYR B 224 22.72 1.45 -34.39
C TYR B 224 21.55 0.50 -34.26
N ILE B 225 21.68 -0.70 -34.80
CA ILE B 225 20.66 -1.73 -34.70
C ILE B 225 21.16 -2.81 -33.74
N VAL B 226 20.40 -3.06 -32.68
CA VAL B 226 20.75 -4.08 -31.69
C VAL B 226 19.73 -5.19 -31.77
N SER B 227 20.21 -6.41 -32.01
CA SER B 227 19.36 -7.59 -32.07
C SER B 227 20.02 -8.70 -31.28
N GLU B 228 19.21 -9.47 -30.56
CA GLU B 228 19.69 -10.55 -29.70
C GLU B 228 20.64 -10.03 -28.62
N GLY B 229 20.48 -8.75 -28.25
CA GLY B 229 21.30 -8.16 -27.22
C GLY B 229 22.64 -7.62 -27.67
N ALA B 230 22.93 -7.63 -28.98
CA ALA B 230 24.20 -7.13 -29.48
C ALA B 230 23.96 -6.28 -30.72
N VAL B 231 24.88 -5.35 -30.95
CA VAL B 231 24.78 -4.48 -32.12
C VAL B 231 25.06 -5.29 -33.38
N ILE B 232 24.05 -5.39 -34.25
CA ILE B 232 24.19 -6.18 -35.48
C ILE B 232 24.50 -5.32 -36.71
N ALA B 233 24.31 -4.01 -36.62
CA ALA B 233 24.64 -3.14 -37.74
C ALA B 233 24.82 -1.71 -37.23
N GLU B 234 25.50 -0.89 -38.03
CA GLU B 234 25.76 0.49 -37.68
C GLU B 234 26.06 1.25 -38.96
N GLY B 235 25.93 2.57 -38.90
CA GLY B 235 26.22 3.43 -40.01
C GLY B 235 25.05 4.34 -40.31
N SER B 236 25.13 5.04 -41.43
CA SER B 236 24.06 5.92 -41.85
C SER B 236 22.82 5.11 -42.20
N PRO B 237 21.64 5.73 -42.19
CA PRO B 237 20.42 4.98 -42.51
C PRO B 237 20.46 4.32 -43.88
N GLN B 238 21.16 4.91 -44.85
CA GLN B 238 21.32 4.25 -46.13
C GLN B 238 22.05 2.92 -45.98
N ASP B 239 23.10 2.89 -45.17
CA ASP B 239 23.80 1.63 -44.90
C ASP B 239 22.94 0.67 -44.08
N ILE B 240 22.11 1.20 -43.17
CA ILE B 240 21.26 0.35 -42.35
C ILE B 240 20.23 -0.36 -43.22
N LEU B 241 19.62 0.37 -44.15
CA LEU B 241 18.59 -0.24 -45.00
C LEU B 241 19.19 -1.32 -45.90
N GLU B 242 20.38 -1.08 -46.44
CA GLU B 242 21.05 -2.06 -47.30
C GLU B 242 21.99 -2.97 -46.50
N ASN B 243 21.47 -3.50 -45.39
CA ASN B 243 22.21 -4.40 -44.52
C ASN B 243 21.48 -5.74 -44.47
N GLU B 244 22.17 -6.80 -44.87
CA GLU B 244 21.52 -8.10 -45.01
C GLU B 244 20.99 -8.61 -43.67
N GLN B 245 21.78 -8.48 -42.61
CA GLN B 245 21.34 -8.96 -41.30
C GLN B 245 20.14 -8.18 -40.79
N VAL B 246 20.20 -6.85 -40.88
CA VAL B 246 19.07 -6.03 -40.47
C VAL B 246 17.87 -6.32 -41.37
N ARG B 247 18.09 -6.41 -42.68
CA ARG B 247 17.01 -6.71 -43.61
C ARG B 247 16.31 -8.01 -43.23
N LYS B 248 17.08 -9.01 -42.80
CA LYS B 248 16.49 -10.30 -42.44
C LYS B 248 15.79 -10.27 -41.09
N VAL B 249 16.34 -9.56 -40.11
CA VAL B 249 15.89 -9.66 -38.73
C VAL B 249 14.81 -8.62 -38.40
N TYR B 250 15.08 -7.35 -38.68
CA TYR B 250 14.25 -6.26 -38.16
C TYR B 250 13.37 -5.63 -39.23
N LEU B 251 13.96 -5.14 -40.32
CA LEU B 251 13.21 -4.32 -41.26
C LEU B 251 12.32 -5.14 -42.18
N GLY B 252 12.74 -6.34 -42.56
CA GLY B 252 11.99 -7.14 -43.51
C GLY B 252 12.31 -6.76 -44.95
N ASP B 253 11.99 -7.69 -45.85
CA ASP B 253 12.42 -7.57 -47.23
C ASP B 253 11.88 -6.32 -47.90
N ASP B 254 10.61 -5.99 -47.65
CA ASP B 254 9.98 -4.80 -48.20
C ASP B 254 9.92 -3.71 -47.15
N PHE B 255 10.46 -2.54 -47.47
CA PHE B 255 10.49 -1.42 -46.54
C PHE B 255 10.65 -0.09 -47.26
N ILE C 2 -12.83 -25.52 -17.46
CA ILE C 2 -11.44 -25.11 -17.31
C ILE C 2 -11.38 -23.73 -16.67
N ILE C 3 -12.30 -22.86 -17.04
CA ILE C 3 -12.35 -21.53 -16.43
C ILE C 3 -12.74 -21.62 -14.97
N ARG C 4 -13.66 -22.53 -14.62
CA ARG C 4 -14.02 -22.70 -13.22
C ARG C 4 -12.84 -23.21 -12.40
N ARG C 5 -12.10 -24.19 -12.92
CA ARG C 5 -10.91 -24.66 -12.22
C ARG C 5 -9.86 -23.59 -12.09
N TYR C 6 -9.66 -22.80 -13.15
CA TYR C 6 -8.72 -21.68 -13.10
C TYR C 6 -9.07 -20.72 -11.99
N LEU C 7 -10.33 -20.27 -11.95
CA LEU C 7 -10.78 -19.35 -10.92
C LEU C 7 -10.70 -19.96 -9.53
N VAL C 8 -11.09 -21.23 -9.39
CA VAL C 8 -11.09 -21.86 -8.07
C VAL C 8 -9.66 -21.98 -7.54
N LYS C 9 -8.73 -22.41 -8.38
CA LYS C 9 -7.34 -22.51 -7.94
C LYS C 9 -6.78 -21.14 -7.58
N GLN C 10 -7.05 -20.13 -8.42
CA GLN C 10 -6.54 -18.80 -8.11
C GLN C 10 -7.10 -18.27 -6.80
N VAL C 11 -8.42 -18.40 -6.61
CA VAL C 11 -9.06 -17.86 -5.42
C VAL C 11 -8.62 -18.63 -4.18
N VAL C 12 -8.51 -19.96 -4.27
CA VAL C 12 -8.06 -20.74 -3.12
C VAL C 12 -6.64 -20.35 -2.73
N SER C 13 -5.74 -20.23 -3.72
CA SER C 13 -4.37 -19.89 -3.41
C SER C 13 -4.26 -18.51 -2.78
N THR C 14 -4.84 -17.50 -3.42
CA THR C 14 -4.75 -16.15 -2.87
C THR C 14 -5.52 -15.99 -1.57
N SER C 15 -6.62 -16.71 -1.38
CA SER C 15 -7.38 -16.66 -0.15
C SER C 15 -6.63 -17.33 0.99
N LEU C 16 -5.95 -18.44 0.73
CA LEU C 16 -5.10 -19.04 1.75
C LEU C 16 -3.95 -18.13 2.11
N VAL C 17 -3.33 -17.46 1.13
CA VAL C 17 -2.26 -16.52 1.42
C VAL C 17 -2.78 -15.38 2.29
N VAL C 18 -3.94 -14.83 1.93
CA VAL C 18 -4.50 -13.71 2.68
C VAL C 18 -4.94 -14.16 4.06
N ILE C 19 -5.47 -15.38 4.19
CA ILE C 19 -5.88 -15.90 5.48
C ILE C 19 -4.67 -16.08 6.38
N ALA C 20 -3.58 -16.61 5.83
CA ALA C 20 -2.35 -16.72 6.62
C ALA C 20 -1.83 -15.36 7.04
N LEU C 21 -1.85 -14.38 6.14
CA LEU C 21 -1.39 -13.03 6.49
C LEU C 21 -2.26 -12.40 7.58
N LEU C 22 -3.58 -12.49 7.42
CA LEU C 22 -4.50 -11.90 8.39
C LEU C 22 -4.42 -12.62 9.74
N THR C 23 -4.29 -13.95 9.72
CA THR C 23 -4.07 -14.67 10.96
C THR C 23 -2.80 -14.22 11.64
N LEU C 24 -1.69 -14.20 10.91
CA LEU C 24 -0.42 -13.73 11.48
C LEU C 24 -0.57 -12.36 12.09
N ILE C 25 -1.12 -11.39 11.35
CA ILE C 25 -1.26 -10.02 11.85
C ILE C 25 -2.19 -9.96 13.06
N MET C 26 -3.38 -10.53 12.95
CA MET C 26 -4.41 -10.30 13.96
C MET C 26 -4.09 -11.01 15.26
N MET C 27 -3.59 -12.24 15.22
CA MET C 27 -3.19 -12.84 16.49
C MET C 27 -1.74 -12.59 16.86
N GLY C 28 -0.94 -12.00 15.99
CA GLY C 28 0.32 -11.43 16.45
C GLY C 28 0.10 -10.21 17.31
N GLY C 29 -0.88 -9.38 16.93
CA GLY C 29 -1.27 -8.29 17.82
C GLY C 29 -1.73 -8.78 19.17
N ARG C 30 -2.58 -9.82 19.19
CA ARG C 30 -3.06 -10.36 20.45
C ARG C 30 -1.94 -11.02 21.24
N LEU C 31 -1.03 -11.72 20.56
CA LEU C 31 0.09 -12.36 21.24
C LEU C 31 1.02 -11.33 21.85
N ILE C 32 1.25 -10.22 21.13
CA ILE C 32 2.08 -9.15 21.67
C ILE C 32 1.40 -8.50 22.87
N LYS C 33 0.09 -8.29 22.79
CA LYS C 33 -0.63 -7.75 23.94
C LYS C 33 -0.56 -8.68 25.14
N TYR C 34 -0.72 -9.99 24.91
CA TYR C 34 -0.64 -10.95 26.00
C TYR C 34 0.76 -10.99 26.60
N PHE C 35 1.79 -10.93 25.76
CA PHE C 35 3.16 -10.86 26.26
C PHE C 35 3.37 -9.58 27.07
N GLY C 36 2.73 -8.49 26.65
CA GLY C 36 2.79 -7.28 27.45
C GLY C 36 2.15 -7.46 28.82
N VAL C 37 0.99 -8.12 28.86
CA VAL C 37 0.38 -8.46 30.14
C VAL C 37 1.29 -9.41 30.92
N ALA C 38 1.88 -10.38 30.23
CA ALA C 38 2.79 -11.31 30.89
C ALA C 38 4.07 -10.61 31.34
N ALA C 39 4.36 -9.43 30.81
CA ALA C 39 5.58 -8.71 31.19
C ALA C 39 5.49 -8.17 32.62
N GLN C 40 4.31 -7.82 33.10
CA GLN C 40 4.13 -7.39 34.48
C GLN C 40 3.76 -8.53 35.42
N GLY C 41 3.81 -9.78 34.94
CA GLY C 41 3.52 -10.92 35.77
C GLY C 41 2.05 -11.21 35.97
N ARG C 42 1.17 -10.52 35.26
CA ARG C 42 -0.27 -10.75 35.36
C ARG C 42 -0.73 -11.94 34.53
N LEU C 43 0.20 -12.69 33.93
CA LEU C 43 -0.14 -13.84 33.11
C LEU C 43 1.12 -14.68 32.92
N ASP C 44 0.98 -15.99 33.05
CA ASP C 44 2.13 -16.88 32.87
C ASP C 44 2.64 -16.81 31.44
N ALA C 45 3.97 -16.73 31.30
CA ALA C 45 4.58 -16.69 29.98
C ALA C 45 4.52 -18.03 29.27
N GLY C 46 4.35 -19.12 30.02
CA GLY C 46 4.27 -20.44 29.42
C GLY C 46 2.92 -20.86 28.91
N VAL C 47 1.88 -20.09 29.22
CA VAL C 47 0.53 -20.41 28.78
C VAL C 47 0.01 -19.46 27.72
N LEU C 48 0.77 -18.41 27.38
CA LEU C 48 0.32 -17.47 26.37
C LEU C 48 0.34 -18.06 24.96
N PHE C 49 0.94 -19.24 24.78
CA PHE C 49 0.80 -19.95 23.52
C PHE C 49 -0.45 -20.81 23.46
N SER C 50 -0.83 -21.43 24.57
CA SER C 50 -2.10 -22.16 24.62
C SER C 50 -3.28 -21.21 24.51
N ILE C 51 -3.14 -19.97 24.98
CA ILE C 51 -4.19 -18.97 24.81
C ILE C 51 -4.42 -18.70 23.33
N ILE C 52 -3.33 -18.52 22.57
CA ILE C 52 -3.47 -18.31 21.13
C ILE C 52 -4.01 -19.55 20.45
N GLY C 53 -3.56 -20.72 20.88
CA GLY C 53 -4.05 -21.96 20.28
C GLY C 53 -5.53 -22.17 20.49
N TYR C 54 -6.04 -21.83 21.67
CA TYR C 54 -7.46 -21.98 21.95
C TYR C 54 -8.30 -20.86 21.35
N ARG C 55 -7.70 -19.74 20.96
CA ARG C 55 -8.40 -18.68 20.28
C ARG C 55 -8.19 -18.71 18.77
N MET C 56 -7.62 -19.79 18.25
CA MET C 56 -7.57 -19.98 16.80
C MET C 56 -8.97 -19.95 16.17
N PRO C 57 -9.96 -20.70 16.64
CA PRO C 57 -11.28 -20.65 16.00
C PRO C 57 -11.93 -19.28 16.05
N GLU C 58 -11.76 -18.52 17.14
CA GLU C 58 -12.39 -17.21 17.22
C GLU C 58 -11.86 -16.27 16.14
N PHE C 59 -10.53 -16.16 16.03
CA PHE C 59 -9.95 -15.29 15.03
C PHE C 59 -10.22 -15.80 13.62
N LEU C 60 -10.14 -17.12 13.42
CA LEU C 60 -10.45 -17.69 12.11
C LEU C 60 -11.89 -17.44 11.71
N THR C 61 -12.81 -17.34 12.67
CA THR C 61 -14.20 -17.04 12.36
C THR C 61 -14.35 -15.71 11.64
N LEU C 62 -13.51 -14.73 11.97
CA LEU C 62 -13.50 -13.46 11.25
C LEU C 62 -12.62 -13.49 10.03
N ILE C 63 -11.49 -14.21 10.10
CA ILE C 63 -10.51 -14.19 9.02
C ILE C 63 -11.05 -14.91 7.79
N LEU C 64 -11.75 -16.03 7.99
CA LEU C 64 -12.22 -16.82 6.84
C LEU C 64 -13.15 -16.03 5.93
N PRO C 65 -14.18 -15.32 6.42
CA PRO C 65 -14.94 -14.44 5.51
C PRO C 65 -14.10 -13.29 4.97
N LEU C 66 -13.31 -12.66 5.83
CA LEU C 66 -12.45 -11.57 5.38
C LEU C 66 -11.41 -12.07 4.39
N GLY C 67 -10.79 -13.22 4.67
CA GLY C 67 -9.82 -13.77 3.75
C GLY C 67 -10.44 -14.15 2.42
N PHE C 68 -11.62 -14.77 2.45
CA PHE C 68 -12.32 -15.13 1.22
C PHE C 68 -12.67 -13.88 0.42
N PHE C 69 -13.16 -12.84 1.09
CA PHE C 69 -13.53 -11.60 0.41
C PHE C 69 -12.31 -10.93 -0.22
N ILE C 70 -11.22 -10.82 0.53
CA ILE C 70 -10.01 -10.18 0.02
C ILE C 70 -9.43 -10.98 -1.13
N GLY C 71 -9.39 -12.31 -1.01
CA GLY C 71 -8.89 -13.12 -2.10
C GLY C 71 -9.76 -13.05 -3.34
N LEU C 72 -11.07 -13.01 -3.16
CA LEU C 72 -11.98 -12.86 -4.29
C LEU C 72 -11.74 -11.55 -5.02
N MET C 73 -11.64 -10.44 -4.27
CA MET C 73 -11.38 -9.18 -4.94
C MET C 73 -9.98 -9.12 -5.54
N LEU C 74 -8.99 -9.75 -4.92
CA LEU C 74 -7.66 -9.79 -5.53
C LEU C 74 -7.69 -10.55 -6.85
N VAL C 75 -8.35 -11.70 -6.89
CA VAL C 75 -8.43 -12.47 -8.14
C VAL C 75 -9.17 -11.69 -9.22
N PHE C 76 -10.33 -11.13 -8.88
CA PHE C 76 -11.11 -10.42 -9.88
C PHE C 76 -10.42 -9.12 -10.32
N GLY C 77 -9.78 -8.42 -9.40
CA GLY C 77 -9.03 -7.24 -9.78
C GLY C 77 -7.83 -7.58 -10.66
N ARG C 78 -7.17 -8.70 -10.38
CA ARG C 78 -6.10 -9.15 -11.26
C ARG C 78 -6.64 -9.46 -12.65
N LEU C 79 -7.78 -10.15 -12.73
CA LEU C 79 -8.39 -10.42 -14.02
C LEU C 79 -8.70 -9.12 -14.76
N TYR C 80 -9.11 -8.09 -14.03
CA TYR C 80 -9.40 -6.81 -14.68
C TYR C 80 -8.11 -6.11 -15.13
N VAL C 81 -7.06 -6.16 -14.32
CA VAL C 81 -5.84 -5.40 -14.62
C VAL C 81 -5.14 -5.96 -15.84
N ASP C 82 -4.97 -7.28 -15.91
CA ASP C 82 -4.20 -7.88 -16.99
C ASP C 82 -5.10 -8.29 -18.16
N HIS C 83 -6.28 -7.68 -18.27
CA HIS C 83 -7.15 -7.79 -19.43
C HIS C 83 -7.65 -9.21 -19.65
N GLU C 84 -7.60 -10.06 -18.64
CA GLU C 84 -8.22 -11.37 -18.75
C GLU C 84 -9.74 -11.33 -18.59
N MET C 85 -10.28 -10.22 -18.11
CA MET C 85 -11.73 -10.06 -18.01
C MET C 85 -12.33 -9.53 -19.29
N ALA C 86 -11.61 -8.69 -20.04
CA ALA C 86 -12.10 -8.20 -21.32
C ALA C 86 -12.23 -9.33 -22.33
N VAL C 87 -11.42 -10.39 -22.19
CA VAL C 87 -11.54 -11.56 -23.06
C VAL C 87 -12.48 -12.61 -22.47
N LEU C 88 -12.79 -12.53 -21.18
CA LEU C 88 -13.85 -13.36 -20.62
C LEU C 88 -15.22 -12.74 -20.87
N ASN C 89 -15.35 -11.44 -20.64
CA ASN C 89 -16.57 -10.74 -21.04
C ASN C 89 -16.74 -10.75 -22.56
N GLY C 90 -15.65 -10.53 -23.29
CA GLY C 90 -15.71 -10.52 -24.74
C GLY C 90 -15.98 -11.86 -25.38
N SER C 91 -15.99 -12.93 -24.59
CA SER C 91 -16.34 -14.26 -25.10
C SER C 91 -17.71 -14.73 -24.63
N GLY C 92 -18.43 -13.91 -23.88
CA GLY C 92 -19.75 -14.27 -23.39
C GLY C 92 -19.83 -14.69 -21.94
N ILE C 93 -18.76 -14.53 -21.18
CA ILE C 93 -18.71 -14.94 -19.78
C ILE C 93 -18.70 -13.68 -18.93
N SER C 94 -19.85 -13.31 -18.37
CA SER C 94 -19.97 -12.10 -17.59
C SER C 94 -19.18 -12.23 -16.28
N ARG C 95 -19.09 -11.12 -15.55
CA ARG C 95 -18.48 -11.17 -14.23
C ARG C 95 -19.38 -11.85 -13.22
N ILE C 96 -20.69 -11.68 -13.35
CA ILE C 96 -21.63 -12.41 -12.51
C ILE C 96 -21.53 -13.90 -12.77
N ARG C 97 -21.35 -14.29 -14.04
CA ARG C 97 -21.16 -15.69 -14.36
C ARG C 97 -19.91 -16.25 -13.71
N LEU C 98 -18.84 -15.47 -13.69
CA LEU C 98 -17.63 -15.88 -12.97
C LEU C 98 -17.91 -16.00 -11.48
N GLY C 99 -18.71 -15.08 -10.93
CA GLY C 99 -19.11 -15.20 -9.53
C GLY C 99 -19.96 -16.42 -9.25
N GLN C 100 -20.81 -16.80 -10.20
CA GLN C 100 -21.64 -17.99 -10.04
C GLN C 100 -20.85 -19.27 -10.19
N LEU C 101 -19.75 -19.26 -10.94
CA LEU C 101 -18.90 -20.44 -11.06
C LEU C 101 -18.19 -20.77 -9.76
N LEU C 102 -18.14 -19.84 -8.81
CA LEU C 102 -17.48 -20.05 -7.52
C LEU C 102 -18.47 -20.33 -6.41
N ILE C 103 -19.73 -20.62 -6.76
CA ILE C 103 -20.70 -21.02 -5.73
C ILE C 103 -20.27 -22.30 -5.02
N PRO C 104 -19.79 -23.35 -5.69
CA PRO C 104 -19.28 -24.51 -4.93
C PRO C 104 -18.15 -24.17 -3.97
N LEU C 105 -17.22 -23.29 -4.35
CA LEU C 105 -16.17 -22.91 -3.43
C LEU C 105 -16.72 -22.11 -2.26
N ALA C 106 -17.69 -21.22 -2.52
CA ALA C 106 -18.34 -20.50 -1.44
C ALA C 106 -19.07 -21.45 -0.50
N LEU C 107 -19.68 -22.51 -1.03
CA LEU C 107 -20.35 -23.49 -0.19
C LEU C 107 -19.35 -24.28 0.64
N VAL C 108 -18.18 -24.60 0.07
CA VAL C 108 -17.15 -25.29 0.85
C VAL C 108 -16.67 -24.41 1.99
N PHE C 109 -16.40 -23.13 1.70
CA PHE C 109 -15.99 -22.21 2.76
C PHE C 109 -17.11 -22.00 3.78
N LEU C 110 -18.36 -21.99 3.33
CA LEU C 110 -19.48 -21.88 4.24
C LEU C 110 -19.56 -23.08 5.17
N VAL C 111 -19.32 -24.28 4.65
CA VAL C 111 -19.31 -25.47 5.50
C VAL C 111 -18.17 -25.39 6.52
N ILE C 112 -16.99 -24.95 6.07
CA ILE C 112 -15.85 -24.84 6.97
C ILE C 112 -16.14 -23.85 8.08
N GLN C 113 -16.70 -22.68 7.74
CA GLN C 113 -16.99 -21.70 8.76
C GLN C 113 -18.19 -22.09 9.61
N GLY C 114 -19.10 -22.90 9.08
CA GLY C 114 -20.15 -23.45 9.92
C GLY C 114 -19.59 -24.39 10.96
N ILE C 115 -18.61 -25.22 10.58
CA ILE C 115 -17.91 -26.04 11.56
C ILE C 115 -17.23 -25.16 12.59
N LEU C 116 -16.56 -24.08 12.14
CA LEU C 116 -15.90 -23.17 13.07
C LEU C 116 -16.89 -22.57 14.06
N MET C 117 -17.98 -22.01 13.56
CA MET C 117 -18.98 -21.35 14.40
C MET C 117 -19.64 -22.33 15.37
N LEU C 118 -20.00 -23.52 14.89
CA LEU C 118 -20.85 -24.40 15.67
C LEU C 118 -20.07 -25.30 16.62
N TRP C 119 -18.88 -25.75 16.23
CA TRP C 119 -18.12 -26.69 17.05
C TRP C 119 -16.80 -26.11 17.54
N MET C 120 -15.94 -25.64 16.64
CA MET C 120 -14.59 -25.26 17.06
C MET C 120 -14.56 -23.98 17.88
N THR C 121 -15.32 -22.96 17.52
CA THR C 121 -15.31 -21.74 18.33
C THR C 121 -15.84 -21.96 19.73
N PRO C 122 -17.00 -22.61 19.96
CA PRO C 122 -17.41 -22.86 21.35
C PRO C 122 -16.41 -23.68 22.13
N TRP C 123 -15.79 -24.69 21.51
CA TRP C 123 -14.82 -25.52 22.19
C TRP C 123 -13.58 -24.72 22.57
N GLY C 124 -13.05 -23.94 21.63
CA GLY C 124 -11.90 -23.11 21.92
C GLY C 124 -12.16 -22.08 22.99
N LEU C 125 -13.33 -21.43 22.93
CA LEU C 125 -13.70 -20.49 23.99
C LEU C 125 -13.91 -21.16 25.34
N ARG C 126 -14.48 -22.37 25.39
CA ARG C 126 -14.59 -23.07 26.66
C ARG C 126 -13.22 -23.32 27.25
N GLN C 127 -12.30 -23.84 26.43
CA GLN C 127 -10.94 -24.12 26.91
C GLN C 127 -10.24 -22.84 27.35
N PHE C 128 -10.34 -21.78 26.56
CA PHE C 128 -9.69 -20.52 26.90
C PHE C 128 -10.29 -19.90 28.14
N ASP C 129 -11.61 -20.00 28.33
CA ASP C 129 -12.24 -19.45 29.52
C ASP C 129 -11.81 -20.18 30.77
N GLN C 130 -11.73 -21.52 30.72
CA GLN C 130 -11.27 -22.22 31.92
C GLN C 130 -9.79 -21.92 32.18
N LEU C 131 -8.98 -21.81 31.13
CA LEU C 131 -7.58 -21.45 31.32
C LEU C 131 -7.44 -20.05 31.93
N SER C 132 -8.22 -19.09 31.44
CA SER C 132 -8.14 -17.73 31.96
C SER C 132 -8.63 -17.66 33.40
N SER C 133 -9.69 -18.40 33.72
CA SER C 133 -10.13 -18.50 35.10
C SER C 133 -9.06 -19.11 36.00
N SER C 134 -8.31 -20.08 35.49
CA SER C 134 -7.17 -20.59 36.24
C SER C 134 -6.05 -19.55 36.37
N GLN C 135 -5.90 -18.67 35.40
CA GLN C 135 -4.86 -17.64 35.44
C GLN C 135 -5.28 -16.40 36.21
N ALA C 136 -6.54 -16.28 36.61
CA ALA C 136 -7.02 -15.10 37.33
C ALA C 136 -6.84 -15.22 38.84
N VAL C 137 -6.37 -16.37 39.34
CA VAL C 137 -6.19 -16.57 40.77
C VAL C 137 -4.81 -16.14 41.24
N ARG C 138 -3.91 -15.81 40.32
CA ARG C 138 -2.56 -15.38 40.70
C ARG C 138 -2.62 -14.17 41.62
N THR C 139 -1.87 -14.24 42.73
CA THR C 139 -1.85 -13.15 43.70
C THR C 139 -0.57 -13.24 44.51
N GLY C 140 -0.24 -12.14 45.16
CA GLY C 140 0.93 -12.12 46.04
C GLY C 140 2.21 -12.03 45.24
N PHE C 141 3.12 -12.98 45.51
CA PHE C 141 4.44 -12.96 44.89
C PHE C 141 4.41 -13.19 43.39
N ASP C 142 3.27 -13.64 42.84
CA ASP C 142 3.20 -13.89 41.40
C ASP C 142 3.13 -12.59 40.60
N LEU C 143 2.54 -11.54 41.16
CA LEU C 143 2.37 -10.27 40.46
C LEU C 143 3.45 -9.26 40.80
N VAL C 144 4.52 -9.67 41.49
CA VAL C 144 5.56 -8.74 41.89
C VAL C 144 6.30 -8.22 40.65
N ARG C 145 6.74 -6.97 40.73
CA ARG C 145 7.56 -6.36 39.69
C ARG C 145 8.79 -5.74 40.33
N PRO C 146 9.91 -5.71 39.62
CA PRO C 146 11.13 -5.15 40.22
C PRO C 146 10.99 -3.67 40.52
N LYS C 147 11.61 -3.23 41.61
CA LYS C 147 11.72 -1.82 41.98
C LYS C 147 10.35 -1.15 42.10
N GLU C 148 9.36 -1.88 42.59
CA GLU C 148 8.01 -1.35 42.71
C GLU C 148 7.30 -2.03 43.88
N PHE C 149 6.23 -1.37 44.35
CA PHE C 149 5.38 -1.89 45.41
C PHE C 149 4.11 -2.48 44.81
N ILE C 150 3.83 -3.73 45.15
CA ILE C 150 2.64 -4.43 44.68
C ILE C 150 1.76 -4.74 45.88
N SER C 151 0.51 -4.30 45.82
CA SER C 151 -0.46 -4.54 46.88
C SER C 151 -1.54 -5.47 46.36
N SER C 152 -1.71 -6.61 47.03
CA SER C 152 -2.75 -7.59 46.67
C SER C 152 -3.43 -8.01 47.97
N GLY C 153 -4.59 -7.42 48.24
CA GLY C 153 -5.29 -7.66 49.49
C GLY C 153 -4.51 -7.16 50.68
N PRO C 154 -4.29 -8.02 51.67
CA PRO C 154 -3.54 -7.62 52.86
C PRO C 154 -2.03 -7.74 52.73
N TYR C 155 -1.50 -7.89 51.52
CA TYR C 155 -0.07 -8.10 51.29
C TYR C 155 0.50 -6.92 50.52
N THR C 156 1.65 -6.43 50.99
CA THR C 156 2.43 -5.41 50.29
C THR C 156 3.80 -5.99 50.01
N ILE C 157 4.22 -5.96 48.75
CA ILE C 157 5.36 -6.75 48.28
C ILE C 157 6.27 -5.86 47.45
N TYR C 158 7.59 -6.00 47.65
CA TYR C 158 8.59 -5.25 46.89
C TYR C 158 9.68 -6.21 46.45
N ALA C 159 10.25 -5.95 45.28
CA ALA C 159 11.37 -6.72 44.75
C ALA C 159 12.40 -5.77 44.17
N GLY C 160 13.65 -5.89 44.63
CA GLY C 160 14.70 -5.03 44.12
C GLY C 160 15.24 -5.45 42.77
N ASP C 161 15.05 -6.72 42.39
CA ASP C 161 15.53 -7.22 41.11
C ASP C 161 14.68 -8.40 40.71
N LEU C 162 14.63 -8.65 39.40
CA LEU C 162 13.86 -9.75 38.85
C LEU C 162 14.66 -10.43 37.75
N SER C 163 14.71 -11.76 37.80
CA SER C 163 15.39 -12.51 36.76
C SER C 163 14.54 -12.52 35.48
N GLU C 164 15.12 -13.07 34.41
CA GLU C 164 14.39 -13.18 33.16
C GLU C 164 13.14 -14.04 33.33
N ASP C 165 13.27 -15.15 34.05
CA ASP C 165 12.11 -15.88 34.52
C ASP C 165 11.65 -15.31 35.85
N ARG C 166 10.39 -15.57 36.19
CA ARG C 166 9.81 -14.98 37.40
C ARG C 166 10.17 -15.79 38.64
N LYS C 167 11.47 -16.03 38.83
CA LYS C 167 11.98 -16.69 40.01
C LYS C 167 13.22 -15.93 40.48
N ASN C 168 13.74 -16.35 41.64
CA ASN C 168 14.96 -15.77 42.21
C ASN C 168 14.82 -14.27 42.45
N LEU C 169 13.90 -13.93 43.36
CA LEU C 169 13.70 -12.54 43.75
C LEU C 169 14.92 -12.02 44.49
N LYS C 170 15.12 -10.71 44.43
CA LYS C 170 16.21 -10.05 45.12
C LYS C 170 15.69 -8.80 45.83
N ASP C 171 16.22 -8.54 47.02
CA ASP C 171 15.87 -7.36 47.82
C ASP C 171 14.37 -7.30 48.06
N ILE C 172 13.88 -8.29 48.80
CA ILE C 172 12.45 -8.49 48.99
C ILE C 172 11.99 -7.78 50.24
N PHE C 173 10.91 -7.02 50.13
CA PHE C 173 10.25 -6.38 51.27
C PHE C 173 8.80 -6.82 51.28
N PHE C 174 8.35 -7.38 52.41
CA PHE C 174 7.00 -7.90 52.55
C PHE C 174 6.32 -7.24 53.72
N TYR C 175 5.05 -6.88 53.55
CA TYR C 175 4.26 -6.24 54.59
C TYR C 175 2.88 -6.88 54.66
N GLN C 176 2.34 -6.91 55.87
CA GLN C 176 1.02 -7.50 56.09
C GLN C 176 -0.04 -6.41 56.24
N ASP C 185 0.40 -7.42 61.95
CA ASP C 185 1.26 -6.96 60.87
C ASP C 185 2.65 -7.57 60.99
N VAL C 186 3.09 -8.24 59.92
CA VAL C 186 4.39 -8.91 59.89
C VAL C 186 5.23 -8.28 58.79
N MET C 187 6.43 -7.84 59.14
CA MET C 187 7.38 -7.28 58.19
C MET C 187 8.49 -8.29 57.93
N ILE C 188 8.66 -8.67 56.67
CA ILE C 188 9.68 -9.63 56.27
C ILE C 188 10.56 -8.99 55.21
N LEU C 189 11.86 -8.94 55.48
CA LEU C 189 12.85 -8.40 54.55
C LEU C 189 13.90 -9.47 54.28
N ALA C 190 14.08 -9.82 53.00
CA ALA C 190 15.01 -10.86 52.63
C ALA C 190 15.85 -10.41 51.44
N LYS C 191 17.12 -10.77 51.47
CA LYS C 191 18.01 -10.48 50.35
C LYS C 191 17.63 -11.29 49.11
N GLU C 192 17.24 -12.55 49.30
CA GLU C 192 16.92 -13.43 48.19
C GLU C 192 15.64 -14.19 48.50
N ALA C 193 14.91 -14.56 47.44
CA ALA C 193 13.71 -15.37 47.58
C ALA C 193 13.46 -16.07 46.25
N THR C 194 13.25 -17.38 46.30
CA THR C 194 12.99 -18.19 45.12
C THR C 194 11.62 -18.83 45.23
N ARG C 195 10.83 -18.71 44.17
CA ARG C 195 9.49 -19.29 44.15
C ARG C 195 9.47 -20.57 43.31
N ASN C 204 1.20 -19.66 47.80
CA ASN C 204 2.48 -19.67 47.11
C ASN C 204 3.59 -20.15 48.03
N VAL C 205 4.52 -20.94 47.47
CA VAL C 205 5.63 -21.51 48.23
C VAL C 205 6.90 -20.82 47.77
N VAL C 206 7.52 -20.04 48.67
CA VAL C 206 8.72 -19.29 48.36
C VAL C 206 9.73 -19.49 49.48
N ASP C 207 10.96 -19.82 49.11
CA ASP C 207 12.06 -20.00 50.06
C ASP C 207 12.85 -18.70 50.11
N LEU C 208 12.89 -18.08 51.29
CA LEU C 208 13.59 -16.82 51.50
C LEU C 208 14.97 -17.10 52.09
N ILE C 209 15.99 -16.48 51.50
CA ILE C 209 17.38 -16.72 51.88
C ILE C 209 17.95 -15.43 52.44
N GLN C 210 18.58 -15.51 53.61
CA GLN C 210 19.22 -14.38 54.28
C GLN C 210 18.22 -13.25 54.50
N GLY C 211 17.20 -13.53 55.31
CA GLY C 211 16.12 -12.60 55.55
C GLY C 211 15.91 -12.33 57.03
N ARG C 212 15.16 -11.26 57.29
CA ARG C 212 14.80 -10.83 58.64
C ARG C 212 13.29 -10.67 58.72
N ARG C 213 12.70 -11.14 59.82
CA ARG C 213 11.27 -11.09 60.03
C ARG C 213 10.96 -10.23 61.24
N TYR C 214 10.02 -9.30 61.10
CA TYR C 214 9.63 -8.41 62.18
C TYR C 214 8.12 -8.39 62.31
N GLU C 215 7.65 -8.28 63.56
CA GLU C 215 6.23 -8.23 63.87
C GLU C 215 5.92 -6.91 64.56
N ILE C 216 4.84 -6.26 64.12
CA ILE C 216 4.42 -5.00 64.70
C ILE C 216 3.13 -5.17 65.48
N TYR C 223 6.60 -5.79 69.12
CA TYR C 223 7.94 -5.85 68.57
C TYR C 223 8.57 -7.23 68.71
N SER C 224 8.52 -8.02 67.65
CA SER C 224 9.13 -9.34 67.61
C SER C 224 10.13 -9.40 66.47
N GLN C 225 11.37 -9.75 66.79
CA GLN C 225 12.44 -9.85 65.81
C GLN C 225 12.94 -11.28 65.77
N ALA C 226 13.06 -11.84 64.57
CA ALA C 226 13.48 -13.23 64.41
C ALA C 226 14.31 -13.33 63.13
N GLU C 227 15.63 -13.27 63.27
CA GLU C 227 16.51 -13.46 62.13
C GLU C 227 16.53 -14.94 61.72
N PHE C 228 16.83 -15.19 60.45
CA PHE C 228 16.88 -16.55 59.94
C PHE C 228 17.79 -16.57 58.71
N GLN C 229 18.23 -17.78 58.37
CA GLN C 229 18.98 -18.01 57.15
C GLN C 229 18.11 -18.51 56.01
N ARG C 230 17.11 -19.34 56.31
CA ARG C 230 16.16 -19.82 55.32
C ARG C 230 14.77 -19.80 55.92
N TYR C 231 13.77 -19.61 55.06
CA TYR C 231 12.40 -19.47 55.50
C TYR C 231 11.46 -19.87 54.38
N ARG C 232 10.38 -20.56 54.73
CA ARG C 232 9.35 -20.96 53.79
C ARG C 232 8.09 -20.17 54.11
N LEU C 233 7.59 -19.41 53.15
CA LEU C 233 6.46 -18.52 53.34
C LEU C 233 5.26 -19.06 52.57
N ARG C 234 4.11 -19.11 53.23
CA ARG C 234 2.91 -19.76 52.71
C ARG C 234 1.72 -18.81 52.76
N LEU C 235 1.88 -17.60 52.23
CA LEU C 235 0.82 -16.60 52.23
C LEU C 235 -0.44 -17.12 51.55
N LYS C 247 -20.28 -18.71 30.59
CA LYS C 247 -20.47 -17.80 29.46
C LYS C 247 -21.22 -18.49 28.33
N VAL C 248 -22.20 -17.79 27.75
CA VAL C 248 -22.99 -18.36 26.66
C VAL C 248 -22.19 -18.47 25.38
N GLU C 249 -21.11 -17.70 25.24
CA GLU C 249 -20.31 -17.71 24.03
C GLU C 249 -19.50 -19.00 23.88
N ALA C 250 -19.41 -19.79 24.94
CA ALA C 250 -18.61 -21.02 24.92
C ALA C 250 -19.44 -22.28 25.15
N LEU C 251 -20.75 -22.16 25.33
CA LEU C 251 -21.58 -23.34 25.53
C LEU C 251 -21.68 -24.15 24.24
N PRO C 252 -21.76 -25.47 24.33
CA PRO C 252 -21.95 -26.29 23.13
C PRO C 252 -23.30 -26.00 22.48
N SER C 253 -23.33 -26.15 21.16
CA SER C 253 -24.57 -25.94 20.42
C SER C 253 -25.63 -26.97 20.76
N SER C 254 -25.22 -28.10 21.36
CA SER C 254 -26.20 -29.09 21.79
C SER C 254 -27.12 -28.51 22.86
N LYS C 255 -26.56 -27.72 23.78
CA LYS C 255 -27.37 -27.06 24.80
C LYS C 255 -28.01 -25.77 24.31
N LEU C 256 -27.69 -25.32 23.10
CA LEU C 256 -28.23 -24.08 22.59
C LEU C 256 -29.24 -24.29 21.46
N TRP C 257 -29.39 -25.51 20.96
CA TRP C 257 -30.38 -25.75 19.91
C TRP C 257 -31.78 -25.41 20.38
N ASN C 258 -32.12 -25.78 21.61
CA ASN C 258 -33.39 -25.42 22.20
C ASN C 258 -33.25 -24.10 22.97
N LYS C 259 -34.24 -23.79 23.80
CA LYS C 259 -34.22 -22.60 24.65
C LYS C 259 -34.12 -21.32 23.81
N TRP C 260 -34.86 -21.28 22.70
CA TRP C 260 -34.91 -20.07 21.88
C TRP C 260 -35.61 -18.93 22.58
N ASN C 261 -36.34 -19.19 23.66
CA ASN C 261 -37.05 -18.13 24.37
C ASN C 261 -36.09 -17.13 25.01
N ASP C 262 -35.01 -17.63 25.61
CA ASP C 262 -34.08 -16.75 26.32
C ASP C 262 -33.38 -15.86 25.31
N PRO C 263 -33.46 -14.54 25.45
CA PRO C 263 -32.85 -13.65 24.44
C PRO C 263 -31.36 -13.84 24.28
N VAL C 264 -30.61 -14.10 25.35
CA VAL C 264 -29.18 -14.30 25.22
C VAL C 264 -28.88 -15.59 24.48
N ILE C 265 -29.57 -16.67 24.88
CA ILE C 265 -29.40 -17.97 24.24
C ILE C 265 -29.80 -17.89 22.78
N ALA C 266 -30.92 -17.23 22.49
CA ALA C 266 -31.36 -17.05 21.12
C ALA C 266 -30.37 -16.24 20.31
N SER C 267 -29.83 -15.18 20.90
CA SER C 267 -28.84 -14.36 20.17
C SER C 267 -27.62 -15.18 19.80
N GLU C 268 -27.09 -15.94 20.76
CA GLU C 268 -25.89 -16.74 20.47
C GLU C 268 -26.18 -17.82 19.44
N MET C 269 -27.34 -18.50 19.56
CA MET C 269 -27.64 -19.58 18.63
C MET C 269 -27.88 -19.04 17.22
N GLY C 270 -28.57 -17.90 17.11
CA GLY C 270 -28.72 -17.26 15.82
C GLY C 270 -27.41 -16.78 15.24
N TRP C 271 -26.50 -16.32 16.10
CA TRP C 271 -25.16 -15.96 15.64
C TRP C 271 -24.42 -17.16 15.07
N ARG C 272 -24.54 -18.32 15.71
CA ARG C 272 -23.90 -19.52 15.19
C ARG C 272 -24.60 -20.08 13.96
N VAL C 273 -25.88 -19.81 13.79
CA VAL C 273 -26.63 -20.34 12.64
C VAL C 273 -26.54 -19.42 11.44
N PHE C 274 -26.84 -18.14 11.61
CA PHE C 274 -26.79 -17.18 10.52
C PHE C 274 -25.42 -16.55 10.32
N GLY C 275 -24.47 -16.86 11.20
CA GLY C 275 -23.12 -16.38 11.06
C GLY C 275 -22.36 -16.89 9.85
N PRO C 276 -22.40 -18.20 9.58
CA PRO C 276 -21.64 -18.73 8.44
C PRO C 276 -22.04 -18.16 7.10
N PHE C 277 -23.24 -17.61 6.97
CA PHE C 277 -23.71 -17.09 5.70
C PHE C 277 -23.08 -15.77 5.32
N THR C 278 -22.05 -15.32 6.04
CA THR C 278 -21.28 -14.17 5.58
C THR C 278 -20.32 -14.54 4.47
N ILE C 279 -20.06 -15.83 4.27
CA ILE C 279 -19.25 -16.27 3.14
C ILE C 279 -19.98 -15.99 1.83
N VAL C 280 -21.27 -16.33 1.78
CA VAL C 280 -22.08 -16.08 0.59
C VAL C 280 -22.18 -14.58 0.32
N ILE C 281 -22.39 -13.80 1.38
CA ILE C 281 -22.43 -12.35 1.23
C ILE C 281 -21.07 -11.82 0.82
N ALA C 282 -19.99 -12.39 1.37
CA ALA C 282 -18.64 -12.02 0.96
C ALA C 282 -18.35 -12.37 -0.50
N LEU C 283 -19.04 -13.36 -1.06
CA LEU C 283 -18.89 -13.69 -2.46
C LEU C 283 -19.65 -12.72 -3.35
N MET C 284 -20.94 -12.52 -3.07
CA MET C 284 -21.70 -11.61 -3.92
C MET C 284 -21.37 -10.14 -3.70
N MET C 285 -20.62 -9.81 -2.65
CA MET C 285 -20.12 -8.45 -2.49
C MET C 285 -18.76 -8.25 -3.13
N ALA C 286 -17.91 -9.27 -3.10
CA ALA C 286 -16.65 -9.20 -3.81
C ALA C 286 -16.83 -9.23 -5.32
N VAL C 287 -17.88 -9.91 -5.79
CA VAL C 287 -18.20 -9.86 -7.22
C VAL C 287 -18.66 -8.47 -7.61
N ALA C 288 -19.41 -7.79 -6.73
CA ALA C 288 -19.98 -6.49 -7.07
C ALA C 288 -18.92 -5.39 -7.11
N LEU C 289 -18.04 -5.35 -6.11
CA LEU C 289 -17.12 -4.24 -5.92
C LEU C 289 -15.71 -4.54 -6.39
N CYS C 290 -15.54 -5.36 -7.44
CA CYS C 290 -14.22 -5.72 -7.91
C CYS C 290 -13.83 -5.06 -9.22
N GLU C 291 -14.75 -4.35 -9.87
CA GLU C 291 -14.43 -3.72 -11.15
C GLU C 291 -13.40 -2.63 -10.96
N VAL C 292 -12.20 -2.87 -11.48
CA VAL C 292 -11.09 -1.93 -11.33
C VAL C 292 -10.38 -1.80 -12.68
N SER C 293 -9.82 -0.62 -12.93
CA SER C 293 -9.12 -0.38 -14.18
C SER C 293 -7.71 -0.95 -14.13
N PRO C 294 -7.14 -1.30 -15.28
CA PRO C 294 -5.74 -1.74 -15.29
C PRO C 294 -4.78 -0.72 -14.71
N ARG C 295 -5.03 0.58 -14.94
CA ARG C 295 -4.16 1.62 -14.42
C ARG C 295 -4.35 1.82 -12.92
N GLN C 296 -5.58 1.66 -12.42
CA GLN C 296 -5.83 1.84 -10.99
C GLN C 296 -5.10 0.81 -10.15
N GLY C 297 -5.12 -0.45 -10.58
CA GLY C 297 -4.36 -1.48 -9.89
C GLY C 297 -5.20 -2.60 -9.30
N ARG C 298 -4.54 -3.69 -8.92
CA ARG C 298 -5.23 -4.82 -8.32
C ARG C 298 -5.71 -4.50 -6.92
N TYR C 299 -5.02 -3.61 -6.21
CA TYR C 299 -5.31 -3.30 -4.82
C TYR C 299 -6.04 -1.97 -4.64
N TYR C 300 -6.51 -1.37 -5.73
CA TYR C 300 -7.13 -0.05 -5.64
C TYR C 300 -8.41 -0.07 -4.81
N ARG C 301 -9.25 -1.09 -5.00
CA ARG C 301 -10.58 -1.13 -4.42
C ARG C 301 -10.63 -1.94 -3.12
N LEU C 302 -9.50 -2.44 -2.63
CA LEU C 302 -9.53 -3.25 -1.42
C LEU C 302 -9.91 -2.44 -0.20
N ILE C 303 -9.28 -1.29 0.01
CA ILE C 303 -9.54 -0.50 1.22
C ILE C 303 -10.98 0.00 1.27
N PRO C 304 -11.56 0.58 0.22
CA PRO C 304 -12.98 0.99 0.31
C PRO C 304 -13.93 -0.17 0.57
N ALA C 305 -13.68 -1.36 0.02
CA ALA C 305 -14.62 -2.47 0.14
C ALA C 305 -14.42 -3.30 1.40
N ILE C 306 -13.20 -3.35 1.94
CA ILE C 306 -12.99 -3.98 3.23
C ILE C 306 -13.77 -3.22 4.30
N PHE C 307 -13.87 -1.90 4.17
CA PHE C 307 -14.72 -1.14 5.08
C PHE C 307 -16.20 -1.46 4.88
N ILE C 308 -16.62 -1.71 3.64
CA ILE C 308 -18.02 -2.07 3.40
C ILE C 308 -18.34 -3.43 4.03
N PHE C 309 -17.40 -4.38 3.96
CA PHE C 309 -17.60 -5.68 4.58
C PHE C 309 -17.51 -5.58 6.11
N ALA C 310 -16.61 -4.74 6.60
CA ALA C 310 -16.52 -4.50 8.04
C ALA C 310 -17.80 -3.85 8.55
N SER C 311 -18.47 -3.08 7.71
CA SER C 311 -19.78 -2.56 8.11
C SER C 311 -20.77 -3.69 8.36
N LEU C 312 -20.77 -4.71 7.50
CA LEU C 312 -21.64 -5.86 7.71
C LEU C 312 -21.28 -6.59 8.99
N ILE C 313 -19.98 -6.82 9.22
CA ILE C 313 -19.58 -7.57 10.41
C ILE C 313 -19.90 -6.79 11.68
N VAL C 314 -19.65 -5.47 11.67
CA VAL C 314 -19.95 -4.63 12.83
C VAL C 314 -21.46 -4.58 13.07
N LEU C 315 -22.24 -4.49 12.00
CA LEU C 315 -23.69 -4.51 12.15
C LEU C 315 -24.16 -5.82 12.75
N LEU C 316 -23.55 -6.93 12.34
CA LEU C 316 -23.93 -8.23 12.91
C LEU C 316 -23.56 -8.31 14.39
N ILE C 317 -22.40 -7.78 14.77
CA ILE C 317 -22.03 -7.78 16.19
C ILE C 317 -22.98 -6.91 17.00
N ALA C 318 -23.31 -5.73 16.49
CA ALA C 318 -24.28 -4.87 17.16
C ALA C 318 -25.65 -5.53 17.26
N ILE C 319 -26.08 -6.23 16.22
CA ILE C 319 -27.32 -6.99 16.24
C ILE C 319 -27.28 -8.08 17.31
N ARG C 320 -26.15 -8.79 17.43
CA ARG C 320 -26.00 -9.79 18.48
C ARG C 320 -26.16 -9.15 19.86
N THR C 321 -25.49 -8.01 20.08
CA THR C 321 -25.58 -7.34 21.36
C THR C 321 -27.00 -6.95 21.69
N ARG C 322 -27.74 -6.40 20.73
CA ARG C 322 -29.12 -6.00 20.98
C ARG C 322 -30.06 -7.18 21.18
N ILE C 323 -29.85 -8.28 20.44
CA ILE C 323 -30.69 -9.46 20.65
C ILE C 323 -30.45 -10.04 22.03
N SER C 324 -29.22 -9.94 22.54
CA SER C 324 -28.93 -10.42 23.88
C SER C 324 -29.71 -9.63 24.94
N ARG C 325 -30.24 -8.46 24.60
CA ARG C 325 -31.01 -7.64 25.52
C ARG C 325 -32.51 -7.74 25.27
N ASP C 326 -32.96 -8.68 24.44
CA ASP C 326 -34.37 -8.81 24.06
C ASP C 326 -34.90 -7.49 23.48
N GLU C 327 -34.15 -6.92 22.54
CA GLU C 327 -34.52 -5.68 21.89
C GLU C 327 -34.70 -5.79 20.39
N LEU C 328 -34.16 -6.81 19.75
CA LEU C 328 -34.20 -6.86 18.30
C LEU C 328 -34.80 -8.15 17.76
N GLY C 329 -34.58 -9.27 18.42
CA GLY C 329 -35.14 -10.52 17.92
C GLY C 329 -34.21 -11.21 16.95
N VAL C 330 -34.34 -12.54 16.88
CA VAL C 330 -33.45 -13.36 16.07
C VAL C 330 -33.54 -13.03 14.60
N TRP C 331 -34.67 -12.51 14.13
CA TRP C 331 -34.87 -12.23 12.72
C TRP C 331 -33.91 -11.19 12.18
N ALA C 332 -33.24 -10.44 13.03
CA ALA C 332 -32.34 -9.38 12.58
C ALA C 332 -31.10 -9.92 11.88
N TYR C 333 -30.73 -11.19 12.10
CA TYR C 333 -29.58 -11.73 11.39
C TYR C 333 -29.89 -11.92 9.90
N PRO C 334 -30.89 -12.71 9.51
CA PRO C 334 -31.21 -12.79 8.07
C PRO C 334 -31.65 -11.47 7.49
N ALA C 335 -32.19 -10.56 8.31
CA ALA C 335 -32.55 -9.24 7.80
C ALA C 335 -31.32 -8.49 7.30
N ALA C 336 -30.28 -8.40 8.13
CA ALA C 336 -29.05 -7.72 7.71
C ALA C 336 -28.38 -8.47 6.57
N LEU C 337 -28.34 -9.79 6.64
CA LEU C 337 -27.71 -10.56 5.57
C LEU C 337 -28.43 -10.33 4.25
N ALA C 338 -29.76 -10.34 4.25
CA ALA C 338 -30.52 -10.12 3.03
C ALA C 338 -30.39 -8.69 2.54
N VAL C 339 -30.22 -7.71 3.42
CA VAL C 339 -30.02 -6.32 2.92
C VAL C 339 -28.68 -6.20 2.20
N TYR C 340 -27.57 -6.55 2.85
CA TYR C 340 -26.26 -6.33 2.19
C TYR C 340 -26.24 -7.07 0.86
N GLY C 341 -26.83 -8.24 0.81
CA GLY C 341 -26.90 -8.98 -0.46
C GLY C 341 -27.72 -8.27 -1.52
N ILE C 342 -28.98 -7.96 -1.22
CA ILE C 342 -29.86 -7.32 -2.23
C ILE C 342 -29.15 -6.03 -2.65
N ALA C 343 -28.22 -5.56 -1.84
CA ALA C 343 -27.47 -4.35 -2.25
C ALA C 343 -26.31 -4.78 -3.11
N ALA C 344 -25.61 -5.82 -2.68
CA ALA C 344 -24.52 -6.30 -3.53
C ALA C 344 -25.03 -6.80 -4.87
N ALA C 345 -26.18 -7.48 -4.88
CA ALA C 345 -26.74 -8.00 -6.13
C ALA C 345 -27.20 -6.86 -7.03
N LEU C 346 -27.83 -5.84 -6.46
CA LEU C 346 -28.27 -4.70 -7.26
C LEU C 346 -27.08 -3.93 -7.82
N PHE C 347 -26.02 -3.78 -7.03
CA PHE C 347 -24.84 -3.06 -7.51
C PHE C 347 -24.12 -3.86 -8.60
N SER C 348 -24.11 -5.19 -8.50
CA SER C 348 -23.48 -6.01 -9.52
C SER C 348 -24.30 -6.10 -10.79
N ARG C 349 -25.55 -5.62 -10.77
CA ARG C 349 -26.46 -5.71 -11.90
C ARG C 349 -26.98 -4.33 -12.29
N LYS C 350 -26.06 -3.37 -12.39
CA LYS C 350 -26.42 -2.01 -12.78
C LYS C 350 -25.97 -1.71 -14.20
N ARG D 4 18.13 25.92 -5.16
CA ARG D 4 16.90 25.33 -5.68
C ARG D 4 15.75 25.47 -4.68
N ARG D 5 14.66 26.09 -5.13
CA ARG D 5 13.53 26.32 -4.25
C ARG D 5 12.21 25.83 -4.82
N ILE D 6 11.98 25.96 -6.13
CA ILE D 6 10.68 25.62 -6.70
C ILE D 6 10.43 24.12 -6.63
N VAL D 7 11.43 23.31 -7.01
CA VAL D 7 11.28 21.87 -6.85
C VAL D 7 11.18 21.50 -5.38
N ALA D 8 11.96 22.18 -4.54
CA ALA D 8 11.89 21.91 -3.10
C ALA D 8 10.51 22.21 -2.56
N LYS D 9 9.93 23.35 -2.93
CA LYS D 9 8.57 23.67 -2.49
C LYS D 9 7.58 22.66 -3.03
N HIS D 10 7.75 22.25 -4.30
CA HIS D 10 6.82 21.27 -4.88
C HIS D 10 6.83 19.97 -4.10
N VAL D 11 8.02 19.40 -3.86
CA VAL D 11 8.10 18.12 -3.16
C VAL D 11 7.63 18.26 -1.72
N THR D 12 8.09 19.31 -1.03
CA THR D 12 7.72 19.50 0.37
C THR D 12 6.22 19.69 0.52
N LYS D 13 5.61 20.50 -0.37
CA LYS D 13 4.18 20.76 -0.27
C LYS D 13 3.37 19.52 -0.62
N THR D 14 3.77 18.79 -1.66
CA THR D 14 3.04 17.56 -2.00
C THR D 14 3.08 16.56 -0.85
N THR D 15 4.27 16.34 -0.28
CA THR D 15 4.38 15.34 0.77
C THR D 15 3.73 15.83 2.06
N ALA D 16 3.80 17.12 2.35
CA ALA D 16 3.14 17.65 3.54
C ALA D 16 1.63 17.56 3.43
N LEU D 17 1.09 17.87 2.25
CA LEU D 17 -0.35 17.71 2.06
C LEU D 17 -0.78 16.26 2.16
N ALA D 18 0.03 15.34 1.61
CA ALA D 18 -0.29 13.92 1.77
C ALA D 18 -0.26 13.50 3.23
N MET D 19 0.75 13.94 3.98
CA MET D 19 0.83 13.60 5.41
C MET D 19 -0.34 14.17 6.18
N LEU D 20 -0.72 15.42 5.91
CA LEU D 20 -1.84 16.02 6.62
C LEU D 20 -3.16 15.35 6.26
N GLY D 21 -3.36 15.00 4.99
CA GLY D 21 -4.56 14.29 4.61
C GLY D 21 -4.65 12.92 5.25
N THR D 22 -3.54 12.17 5.25
CA THR D 22 -3.53 10.88 5.94
C THR D 22 -3.77 11.05 7.43
N THR D 23 -3.21 12.11 8.02
CA THR D 23 -3.44 12.38 9.43
C THR D 23 -4.92 12.61 9.72
N ILE D 24 -5.57 13.47 8.92
CA ILE D 24 -6.99 13.74 9.14
C ILE D 24 -7.81 12.47 8.97
N VAL D 25 -7.54 11.71 7.91
CA VAL D 25 -8.31 10.50 7.64
C VAL D 25 -8.13 9.49 8.77
N LEU D 26 -6.89 9.29 9.22
CA LEU D 26 -6.63 8.30 10.26
C LEU D 26 -7.19 8.73 11.61
N VAL D 27 -7.13 10.03 11.91
CA VAL D 27 -7.72 10.52 13.15
C VAL D 27 -9.22 10.31 13.14
N ILE D 28 -9.88 10.64 12.04
CA ILE D 28 -11.33 10.44 11.95
C ILE D 28 -11.67 8.96 12.07
N LEU D 29 -10.91 8.10 11.37
CA LEU D 29 -11.17 6.67 11.41
C LEU D 29 -10.99 6.10 12.80
N GLN D 30 -9.92 6.50 13.51
CA GLN D 30 -9.72 5.98 14.86
C GLN D 30 -10.76 6.53 15.83
N VAL D 31 -11.18 7.79 15.67
CA VAL D 31 -12.25 8.30 16.51
C VAL D 31 -13.51 7.48 16.33
N LEU D 32 -13.89 7.21 15.08
CA LEU D 32 -15.08 6.41 14.82
C LEU D 32 -14.93 4.99 15.36
N PHE D 33 -13.77 4.37 15.15
CA PHE D 33 -13.57 3.00 15.60
C PHE D 33 -13.63 2.89 17.12
N THR D 34 -13.01 3.84 17.83
CA THR D 34 -13.06 3.82 19.28
C THR D 34 -14.48 4.10 19.77
N TYR D 35 -15.22 4.98 19.08
CA TYR D 35 -16.59 5.25 19.46
C TYR D 35 -17.45 4.00 19.32
N LEU D 36 -17.24 3.23 18.24
CA LEU D 36 -17.92 1.96 18.10
C LEU D 36 -17.56 1.01 19.24
N GLY D 37 -16.28 0.95 19.60
CA GLY D 37 -15.87 0.15 20.73
C GLY D 37 -16.40 0.66 22.05
N GLU D 38 -16.49 1.98 22.20
CA GLU D 38 -16.99 2.58 23.43
C GLU D 38 -18.51 2.54 23.54
N LEU D 39 -19.21 2.26 22.45
CA LEU D 39 -20.67 2.19 22.48
C LEU D 39 -21.20 0.99 23.25
N SER D 40 -20.35 0.02 23.58
CA SER D 40 -20.75 -1.18 24.30
C SER D 40 -20.70 -1.03 25.81
N ASN D 41 -20.26 0.13 26.31
CA ASN D 41 -20.13 0.34 27.75
C ASN D 41 -21.10 1.38 28.29
N LEU D 42 -22.14 1.72 27.54
CA LEU D 42 -23.09 2.72 27.99
C LEU D 42 -23.93 2.20 29.17
N LYS D 43 -24.27 3.11 30.07
CA LYS D 43 -25.09 2.80 31.23
C LYS D 43 -25.90 4.02 31.61
N ALA D 44 -26.45 4.02 32.83
CA ALA D 44 -27.33 5.09 33.25
C ALA D 44 -26.60 6.43 33.34
N ASP D 45 -25.43 6.45 33.97
CA ASP D 45 -24.67 7.67 34.16
C ASP D 45 -23.63 7.89 33.05
N TYR D 46 -23.56 6.99 32.07
CA TYR D 46 -22.61 7.07 30.97
C TYR D 46 -23.40 6.92 29.68
N SER D 47 -23.93 8.03 29.17
CA SER D 47 -24.78 8.01 28.00
C SER D 47 -23.93 8.00 26.73
N ALA D 48 -24.60 7.91 25.58
CA ALA D 48 -23.89 7.96 24.30
C ALA D 48 -23.18 9.28 24.10
N TRP D 49 -23.78 10.38 24.56
CA TRP D 49 -23.12 11.68 24.50
C TRP D 49 -21.86 11.68 25.34
N GLN D 50 -21.91 11.08 26.54
CA GLN D 50 -20.73 11.01 27.38
C GLN D 50 -19.61 10.21 26.73
N ALA D 51 -19.95 9.05 26.12
CA ALA D 51 -18.94 8.27 25.44
C ALA D 51 -18.43 8.94 24.18
N PHE D 52 -19.24 9.80 23.55
CA PHE D 52 -18.76 10.58 22.42
C PHE D 52 -17.77 11.64 22.87
N LEU D 53 -18.06 12.33 23.97
CA LEU D 53 -17.11 13.29 24.51
C LEU D 53 -15.83 12.60 24.98
N TYR D 54 -15.96 11.37 25.51
CA TYR D 54 -14.77 10.65 25.95
C TYR D 54 -13.83 10.35 24.79
N VAL D 55 -14.37 9.94 23.64
CA VAL D 55 -13.51 9.63 22.51
C VAL D 55 -13.08 10.91 21.80
N LEU D 56 -13.88 11.98 21.90
CA LEU D 56 -13.49 13.24 21.30
C LEU D 56 -12.35 13.90 22.05
N TRP D 57 -12.35 13.81 23.38
CA TRP D 57 -11.24 14.32 24.15
C TRP D 57 -9.99 13.47 23.99
N GLY D 58 -10.14 12.20 23.67
CA GLY D 58 -9.00 11.36 23.37
C GLY D 58 -8.46 11.50 21.97
N ALA D 59 -9.07 12.37 21.16
CA ALA D 59 -8.57 12.58 19.80
C ALA D 59 -7.14 13.09 19.75
N PRO D 60 -6.69 14.03 20.58
CA PRO D 60 -5.26 14.40 20.55
C PRO D 60 -4.33 13.24 20.83
N ARG D 61 -4.69 12.34 21.75
CA ARG D 61 -3.86 11.17 22.00
C ARG D 61 -3.80 10.24 20.80
N TYR D 62 -4.95 10.03 20.14
CA TYR D 62 -4.96 9.22 18.93
C TYR D 62 -4.11 9.87 17.84
N LEU D 63 -4.18 11.20 17.72
CA LEU D 63 -3.34 11.91 16.76
C LEU D 63 -1.86 11.71 17.06
N TYR D 64 -1.47 11.87 18.33
CA TYR D 64 -0.08 11.66 18.72
C TYR D 64 0.37 10.25 18.40
N GLU D 65 -0.48 9.26 18.61
CA GLU D 65 -0.13 7.88 18.28
C GLU D 65 -0.12 7.60 16.78
N ILE D 66 -0.89 8.35 15.99
CA ILE D 66 -0.95 8.15 14.55
C ILE D 66 0.19 8.83 13.81
N LEU D 67 0.73 9.92 14.34
CA LEU D 67 1.71 10.71 13.59
C LEU D 67 2.86 9.90 12.98
N PRO D 68 3.46 8.91 13.66
CA PRO D 68 4.46 8.10 12.97
C PRO D 68 3.94 7.38 11.73
N ILE D 69 2.90 6.56 11.87
CA ILE D 69 2.32 5.87 10.72
C ILE D 69 1.66 6.85 9.75
N SER D 70 1.10 7.96 10.25
CA SER D 70 0.60 8.99 9.36
C SER D 70 1.71 9.56 8.49
N ALA D 71 2.87 9.85 9.08
CA ALA D 71 4.01 10.33 8.30
C ALA D 71 4.49 9.29 7.31
N LEU D 72 4.54 8.02 7.70
CA LEU D 72 4.95 6.97 6.78
C LEU D 72 4.02 6.90 5.58
N ILE D 73 2.72 6.80 5.82
CA ILE D 73 1.77 6.69 4.71
C ILE D 73 1.72 7.97 3.90
N GLY D 74 1.88 9.13 4.54
CA GLY D 74 1.92 10.38 3.80
C GLY D 74 3.11 10.48 2.87
N ALA D 75 4.28 10.07 3.35
CA ALA D 75 5.44 10.02 2.46
C ALA D 75 5.23 9.03 1.33
N ILE D 76 4.68 7.85 1.62
CA ILE D 76 4.40 6.87 0.59
C ILE D 76 3.50 7.47 -0.49
N LEU D 77 2.37 8.06 -0.08
CA LEU D 77 1.42 8.59 -1.06
C LEU D 77 1.97 9.79 -1.81
N GLY D 78 2.63 10.72 -1.10
CA GLY D 78 3.14 11.91 -1.76
C GLY D 78 4.23 11.59 -2.76
N LEU D 79 5.16 10.70 -2.39
CA LEU D 79 6.20 10.32 -3.32
C LEU D 79 5.70 9.38 -4.40
N GLY D 80 4.65 8.59 -4.12
CA GLY D 80 4.06 7.76 -5.16
C GLY D 80 3.35 8.57 -6.22
N THR D 81 2.69 9.65 -5.80
CA THR D 81 2.07 10.56 -6.77
C THR D 81 3.12 11.16 -7.69
N LEU D 82 4.28 11.51 -7.13
CA LEU D 82 5.35 12.08 -7.96
C LEU D 82 6.00 11.03 -8.84
N ALA D 83 6.21 9.82 -8.31
CA ALA D 83 6.92 8.79 -9.06
C ALA D 83 6.06 8.22 -10.18
N SER D 84 4.79 7.92 -9.89
CA SER D 84 3.90 7.41 -10.91
C SER D 84 3.64 8.41 -12.01
N ASN D 85 3.74 9.70 -11.72
CA ASN D 85 3.67 10.75 -12.72
C ASN D 85 5.01 11.00 -13.39
N SER D 86 6.02 10.17 -13.09
CA SER D 86 7.35 10.27 -13.68
C SER D 86 8.01 11.62 -13.40
N GLU D 87 7.72 12.20 -12.25
CA GLU D 87 8.35 13.45 -11.85
C GLU D 87 9.68 13.22 -11.14
N LEU D 88 9.77 12.18 -10.30
CA LEU D 88 11.03 11.87 -9.65
C LEU D 88 12.09 11.40 -10.65
N ILE D 89 11.67 10.86 -11.79
CA ILE D 89 12.62 10.46 -12.83
C ILE D 89 13.26 11.68 -13.47
N VAL D 90 12.46 12.72 -13.72
CA VAL D 90 13.01 13.93 -14.34
C VAL D 90 13.63 14.88 -13.34
N MET D 91 13.38 14.69 -12.04
CA MET D 91 14.22 15.37 -11.05
C MET D 91 15.62 14.80 -11.04
N ARG D 92 15.73 13.48 -11.21
CA ARG D 92 17.06 12.86 -11.34
C ARG D 92 17.70 13.17 -12.69
N SER D 93 16.89 13.32 -13.74
CA SER D 93 17.42 13.59 -15.07
C SER D 93 18.07 14.96 -15.17
N VAL D 94 17.88 15.83 -14.18
CA VAL D 94 18.49 17.16 -14.19
C VAL D 94 19.59 17.30 -13.15
N GLY D 95 19.74 16.35 -12.24
CA GLY D 95 20.84 16.38 -11.30
C GLY D 95 20.45 16.56 -9.85
N ILE D 96 19.29 16.06 -9.47
CA ILE D 96 18.82 16.11 -8.09
C ILE D 96 18.92 14.70 -7.51
N SER D 97 19.71 14.56 -6.45
CA SER D 97 20.01 13.25 -5.90
C SER D 97 18.79 12.66 -5.20
N LEU D 98 18.87 11.36 -4.91
CA LEU D 98 17.83 10.72 -4.12
C LEU D 98 17.82 11.25 -2.69
N TRP D 99 19.01 11.49 -2.12
CA TRP D 99 19.09 11.99 -0.76
C TRP D 99 18.57 13.41 -0.64
N ARG D 100 18.69 14.23 -1.69
CA ARG D 100 18.08 15.56 -1.64
C ARG D 100 16.57 15.48 -1.59
N ILE D 101 15.96 14.59 -2.37
CA ILE D 101 14.51 14.42 -2.32
C ILE D 101 14.10 13.87 -0.97
N VAL D 102 14.90 12.96 -0.41
CA VAL D 102 14.61 12.44 0.93
C VAL D 102 14.68 13.55 1.96
N GLY D 103 15.66 14.46 1.84
CA GLY D 103 15.72 15.59 2.74
C GLY D 103 14.55 16.53 2.59
N TRP D 104 14.08 16.73 1.36
CA TRP D 104 12.89 17.55 1.15
C TRP D 104 11.68 16.92 1.82
N VAL D 105 11.54 15.60 1.75
CA VAL D 105 10.43 14.93 2.41
C VAL D 105 10.59 14.98 3.93
N ILE D 106 11.82 14.88 4.42
CA ILE D 106 12.08 15.00 5.85
C ILE D 106 11.73 16.41 6.33
N ARG D 107 11.85 17.41 5.47
CA ARG D 107 11.40 18.75 5.83
C ARG D 107 9.91 18.74 6.16
N SER D 108 9.11 18.05 5.36
CA SER D 108 7.68 17.92 5.67
C SER D 108 7.46 17.11 6.93
N ALA D 109 8.24 16.04 7.11
CA ALA D 109 8.08 15.20 8.29
C ALA D 109 8.44 15.94 9.58
N LEU D 110 9.31 16.96 9.49
CA LEU D 110 9.65 17.74 10.66
C LEU D 110 8.46 18.52 11.19
N VAL D 111 7.52 18.91 10.33
CA VAL D 111 6.29 19.55 10.80
C VAL D 111 5.50 18.59 11.67
N LEU D 112 5.39 17.33 11.25
CA LEU D 112 4.71 16.33 12.07
C LEU D 112 5.47 16.03 13.36
N VAL D 113 6.79 16.07 13.31
CA VAL D 113 7.58 15.88 14.53
C VAL D 113 7.32 17.02 15.52
N LEU D 114 7.30 18.26 15.03
CA LEU D 114 7.00 19.40 15.91
C LEU D 114 5.58 19.32 16.44
N LEU D 115 4.64 18.88 15.61
CA LEU D 115 3.26 18.70 16.07
C LEU D 115 3.19 17.63 17.16
N SER D 116 3.93 16.53 17.00
CA SER D 116 3.98 15.50 18.04
C SER D 116 4.56 16.07 19.33
N PHE D 117 5.63 16.85 19.24
CA PHE D 117 6.19 17.49 20.42
C PHE D 117 5.17 18.37 21.11
N ALA D 118 4.48 19.22 20.34
CA ALA D 118 3.50 20.13 20.94
C ALA D 118 2.37 19.37 21.60
N LEU D 119 1.83 18.34 20.91
CA LEU D 119 0.77 17.54 21.50
C LEU D 119 1.21 16.89 22.80
N SER D 120 2.34 16.19 22.78
CA SER D 120 2.80 15.48 23.97
C SER D 120 3.05 16.45 25.12
N GLU D 121 3.64 17.62 24.84
CA GLU D 121 3.97 18.53 25.91
C GLU D 121 2.74 19.21 26.50
N TRP D 122 1.83 19.71 25.66
CA TRP D 122 0.81 20.64 26.14
C TRP D 122 -0.63 20.20 25.92
N VAL D 123 -0.91 19.33 24.94
CA VAL D 123 -2.29 18.99 24.59
C VAL D 123 -2.71 17.68 25.24
N VAL D 124 -1.94 16.61 25.02
CA VAL D 124 -2.35 15.29 25.51
C VAL D 124 -2.49 15.24 27.02
N PRO D 125 -1.56 15.77 27.82
CA PRO D 125 -1.74 15.70 29.28
C PRO D 125 -2.97 16.44 29.78
N TYR D 126 -3.51 17.38 29.01
CA TYR D 126 -4.71 18.09 29.42
C TYR D 126 -5.99 17.42 28.91
N THR D 127 -6.00 17.02 27.63
CA THR D 127 -7.19 16.38 27.08
C THR D 127 -7.39 14.99 27.68
N ASN D 128 -6.31 14.30 28.06
CA ASN D 128 -6.48 13.02 28.74
C ASN D 128 -7.14 13.19 30.10
N GLU D 129 -6.74 14.22 30.85
CA GLU D 129 -7.39 14.53 32.12
C GLU D 129 -8.85 14.89 31.91
N ARG D 130 -9.13 15.67 30.86
CA ARG D 130 -10.52 16.01 30.54
C ARG D 130 -11.33 14.76 30.22
N ALA D 131 -10.77 13.85 29.43
CA ALA D 131 -11.49 12.62 29.08
C ALA D 131 -11.76 11.76 30.31
N ASN D 132 -10.76 11.64 31.18
CA ASN D 132 -10.96 10.87 32.41
C ASN D 132 -12.03 11.50 33.30
N SER D 133 -12.02 12.83 33.42
CA SER D 133 -13.04 13.50 34.21
C SER D 133 -14.43 13.33 33.60
N VAL D 134 -14.52 13.36 32.27
CA VAL D 134 -15.81 13.17 31.60
C VAL D 134 -16.32 11.75 31.84
N LYS D 135 -15.44 10.76 31.74
CA LYS D 135 -15.86 9.37 31.89
C LYS D 135 -16.21 9.04 33.34
N SER D 136 -15.24 9.16 34.25
CA SER D 136 -15.42 8.71 35.62
C SER D 136 -16.14 9.72 36.51
N HIS D 137 -16.39 10.93 36.02
CA HIS D 137 -17.03 11.95 36.85
C HIS D 137 -17.97 12.82 36.02
N GLU D 145 -4.41 12.94 43.46
CA GLU D 145 -4.89 12.20 44.62
C GLU D 145 -4.71 10.70 44.44
N VAL D 146 -3.98 10.08 45.36
CA VAL D 146 -3.72 8.65 45.33
C VAL D 146 -4.02 8.07 46.71
N ARG D 147 -4.58 6.87 46.73
CA ARG D 147 -4.96 6.19 47.96
C ARG D 147 -4.10 4.96 48.16
N GLY D 148 -3.64 4.75 49.39
CA GLY D 148 -2.77 3.64 49.70
C GLY D 148 -1.43 3.74 49.00
N TYR D 149 -0.84 4.92 49.02
CA TYR D 149 0.43 5.16 48.34
C TYR D 149 1.56 4.52 49.11
N TRP D 150 2.22 3.54 48.50
CA TRP D 150 3.38 2.87 49.07
C TRP D 150 4.62 3.32 48.31
N SER D 151 5.62 3.82 49.02
CA SER D 151 6.85 4.28 48.40
C SER D 151 8.03 4.05 49.34
N ARG D 152 9.22 3.96 48.75
CA ARG D 152 10.46 3.71 49.48
C ARG D 152 11.41 4.88 49.28
N GLU D 153 12.11 5.26 50.35
CA GLU D 153 13.11 6.32 50.29
C GLU D 153 14.41 5.76 50.86
N GLY D 154 15.21 5.14 49.99
CA GLY D 154 16.48 4.55 50.39
C GLY D 154 16.31 3.41 51.37
N GLN D 155 16.74 3.62 52.62
CA GLN D 155 16.62 2.64 53.67
C GLN D 155 15.36 2.83 54.52
N ARG D 156 14.46 3.70 54.08
CA ARG D 156 13.21 3.96 54.80
C ARG D 156 12.02 3.64 53.90
N PHE D 157 11.03 2.98 54.48
CA PHE D 157 9.79 2.64 53.78
C PHE D 157 8.65 3.46 54.38
N ILE D 158 7.97 4.21 53.54
CA ILE D 158 6.90 5.11 53.97
C ILE D 158 5.59 4.67 53.31
N TYR D 159 4.52 4.64 54.09
CA TYR D 159 3.19 4.31 53.60
C TYR D 159 2.21 5.36 54.09
N VAL D 160 1.42 5.89 53.17
CA VAL D 160 0.36 6.84 53.49
C VAL D 160 -0.93 6.35 52.86
N ASP D 161 -2.02 6.34 53.64
CA ASP D 161 -3.28 5.82 53.13
C ASP D 161 -3.93 6.77 52.15
N TYR D 162 -3.90 8.07 52.45
CA TYR D 162 -4.49 9.08 51.58
C TYR D 162 -3.50 10.21 51.39
N ALA D 163 -3.27 10.59 50.14
CA ALA D 163 -2.36 11.67 49.80
C ALA D 163 -3.07 12.66 48.88
N ASN D 164 -2.80 13.95 49.10
CA ASN D 164 -3.47 15.02 48.38
C ASN D 164 -2.44 15.91 47.69
N SER D 165 -2.86 16.47 46.55
CA SER D 165 -1.97 17.33 45.77
C SER D 165 -1.70 18.66 46.47
N GLN D 166 -2.53 19.05 47.43
CA GLN D 166 -2.36 20.31 48.14
C GLN D 166 -1.55 20.17 49.41
N GLY D 167 -1.05 18.97 49.72
CA GLY D 167 -0.22 18.79 50.90
C GLY D 167 -0.98 18.27 52.11
N GLN D 168 -1.79 17.23 51.91
CA GLN D 168 -2.53 16.60 52.99
C GLN D 168 -2.27 15.11 52.97
N LEU D 169 -2.04 14.54 54.15
CA LEU D 169 -1.76 13.12 54.30
C LEU D 169 -2.65 12.53 55.38
N LYS D 170 -2.92 11.24 55.26
CA LYS D 170 -3.75 10.53 56.23
C LYS D 170 -3.13 9.17 56.53
N ARG D 171 -2.99 8.86 57.82
CA ARG D 171 -2.45 7.58 58.27
C ARG D 171 -1.05 7.33 57.71
N ILE D 172 -0.13 8.22 58.10
CA ILE D 172 1.27 8.07 57.68
C ILE D 172 1.92 6.95 58.48
N GLN D 173 2.76 6.17 57.81
CA GLN D 173 3.52 5.11 58.47
C GLN D 173 4.89 5.04 57.82
N VAL D 174 5.94 5.24 58.62
CA VAL D 174 7.31 5.26 58.14
C VAL D 174 8.11 4.22 58.92
N VAL D 175 8.89 3.42 58.21
CA VAL D 175 9.74 2.40 58.80
C VAL D 175 11.18 2.64 58.37
N ASP D 176 12.09 2.70 59.33
CA ASP D 176 13.50 2.94 59.08
C ASP D 176 14.31 1.66 59.24
N PHE D 177 15.52 1.68 58.70
CA PHE D 177 16.39 0.50 58.72
C PHE D 177 17.85 0.95 58.72
N ASP D 178 18.74 -0.02 58.85
CA ASP D 178 20.18 0.19 58.84
C ASP D 178 20.78 -0.40 57.56
N ASP D 179 22.10 -0.26 57.44
CA ASP D 179 22.82 -0.97 56.38
C ASP D 179 22.72 -2.47 56.56
N ASN D 180 22.53 -2.93 57.80
CA ASN D 180 22.27 -4.32 58.12
C ASN D 180 20.78 -4.64 58.21
N TYR D 181 19.93 -3.66 57.88
CA TYR D 181 18.48 -3.82 57.91
C TYR D 181 17.98 -4.15 59.31
N ARG D 182 18.22 -3.22 60.23
CA ARG D 182 17.75 -3.33 61.61
C ARG D 182 16.83 -2.16 61.92
N LEU D 183 15.74 -2.46 62.63
CA LEU D 183 14.72 -1.45 62.90
C LEU D 183 15.24 -0.36 63.83
N LYS D 184 14.82 0.87 63.58
CA LYS D 184 15.06 1.99 64.49
C LYS D 184 13.76 2.53 65.08
N SER D 185 12.81 2.91 64.23
CA SER D 185 11.57 3.51 64.69
C SER D 185 10.50 3.34 63.63
N VAL D 186 9.32 2.90 64.04
CA VAL D 186 8.16 2.81 63.16
C VAL D 186 7.15 3.87 63.59
N THR D 187 7.22 5.04 62.96
CA THR D 187 6.39 6.17 63.36
C THR D 187 5.07 6.16 62.59
N ASN D 188 4.00 6.51 63.29
CA ASN D 188 2.66 6.58 62.71
C ASN D 188 2.02 7.92 63.04
N ALA D 189 1.24 8.44 62.11
CA ALA D 189 0.55 9.71 62.28
C ALA D 189 -0.87 9.59 61.73
N GLU D 190 -1.71 10.56 62.09
CA GLU D 190 -3.09 10.61 61.62
C GLU D 190 -3.30 11.57 60.46
N GLN D 191 -2.74 12.78 60.55
CA GLN D 191 -2.84 13.77 59.48
C GLN D 191 -1.47 14.38 59.25
N GLY D 192 -1.24 14.83 58.04
CA GLY D 192 0.04 15.40 57.67
C GLY D 192 -0.13 16.61 56.77
N GLN D 193 0.85 17.50 56.83
CA GLN D 193 0.86 18.71 56.02
C GLN D 193 2.24 18.94 55.44
N PHE D 194 2.28 19.59 54.27
CA PHE D 194 3.52 19.89 53.56
C PHE D 194 3.81 21.38 53.66
N VAL D 195 5.00 21.71 54.16
CA VAL D 195 5.43 23.09 54.28
C VAL D 195 6.70 23.36 53.48
N LYS D 196 7.67 22.45 53.52
CA LYS D 196 8.93 22.60 52.81
C LYS D 196 9.42 21.23 52.36
N ASP D 197 10.31 21.24 51.37
CA ASP D 197 10.86 19.99 50.87
C ASP D 197 11.72 19.32 51.93
N GLY D 198 11.54 18.01 52.09
CA GLY D 198 12.30 17.24 53.06
C GLY D 198 11.79 17.28 54.48
N GLN D 199 10.61 17.86 54.71
CA GLN D 199 10.05 17.91 56.06
C GLN D 199 8.56 18.15 55.96
N TRP D 200 7.79 17.42 56.77
CA TRP D 200 6.34 17.52 56.78
C TRP D 200 5.84 17.64 58.21
N LEU D 201 4.89 18.54 58.43
CA LEU D 201 4.26 18.68 59.74
C LEU D 201 3.11 17.69 59.87
N LEU D 202 2.96 17.13 61.07
CA LEU D 202 1.95 16.11 61.30
C LEU D 202 1.55 16.10 62.77
N ASN D 203 0.42 15.47 63.06
CA ASN D 203 -0.14 15.37 64.39
C ASN D 203 -0.26 13.92 64.81
N HIS D 204 -0.42 13.70 66.11
CA HIS D 204 -0.50 12.36 66.71
C HIS D 204 0.73 11.52 66.31
N SER D 205 1.89 12.02 66.72
CA SER D 205 3.17 11.46 66.31
C SER D 205 3.60 10.39 67.32
N GLN D 206 3.40 9.13 66.93
CA GLN D 206 3.73 7.97 67.77
C GLN D 206 4.91 7.24 67.15
N GLN D 207 5.99 7.09 67.91
CA GLN D 207 7.21 6.45 67.45
C GLN D 207 7.59 5.30 68.36
N MET D 208 8.05 4.20 67.76
CA MET D 208 8.75 3.18 68.51
C MET D 208 10.22 3.56 68.64
N ALA D 209 10.93 2.83 69.51
CA ALA D 209 12.34 3.11 69.73
C ALA D 209 13.07 1.80 69.99
N ILE D 210 14.05 1.49 69.14
CA ILE D 210 14.86 0.27 69.31
C ILE D 210 16.31 0.58 68.97
N LEU D 218 9.64 3.16 72.26
CA LEU D 218 8.29 3.61 72.63
C LEU D 218 8.30 5.09 72.97
N ALA D 219 7.58 5.88 72.18
CA ALA D 219 7.49 7.31 72.41
C ALA D 219 6.22 7.85 71.76
N ASN D 220 5.85 9.06 72.15
CA ASN D 220 4.68 9.73 71.60
C ASN D 220 4.92 11.23 71.60
N ALA D 221 4.25 11.92 70.67
CA ALA D 221 4.38 13.37 70.56
C ALA D 221 3.11 13.92 69.92
N ALA D 222 2.60 15.02 70.49
CA ALA D 222 1.39 15.63 69.95
C ALA D 222 1.62 16.18 68.54
N LYS D 223 2.76 16.82 68.31
CA LYS D 223 3.05 17.43 67.01
C LYS D 223 4.55 17.62 66.87
N GLN D 224 5.14 16.97 65.87
CA GLN D 224 6.56 17.17 65.56
C GLN D 224 6.83 16.78 64.11
N PRO D 225 7.58 17.60 63.38
CA PRO D 225 7.94 17.24 62.00
C PRO D 225 9.29 16.53 61.92
N PHE D 226 9.38 15.64 60.93
CA PHE D 226 10.62 14.92 60.68
C PHE D 226 10.87 14.88 59.17
N SER D 227 11.96 14.25 58.77
CA SER D 227 12.40 14.28 57.39
C SER D 227 11.75 13.17 56.57
N LEU D 228 11.08 13.56 55.49
CA LEU D 228 10.59 12.62 54.50
C LEU D 228 10.56 13.33 53.15
N ALA D 229 10.89 12.60 52.09
CA ALA D 229 11.15 13.21 50.79
C ALA D 229 9.93 13.25 49.88
N LEU D 230 8.76 12.83 50.35
CA LEU D 230 7.58 12.88 49.50
C LEU D 230 7.22 14.32 49.19
N GLN D 231 6.84 14.57 47.94
CA GLN D 231 6.52 15.92 47.48
C GLN D 231 5.13 15.91 46.85
N PRO D 232 4.27 16.89 47.16
CA PRO D 232 2.92 16.89 46.58
C PRO D 232 2.88 17.13 45.08
N LYS D 233 3.97 17.63 44.49
CA LYS D 233 3.96 17.93 43.07
C LYS D 233 3.78 16.67 42.22
N TYR D 234 4.42 15.57 42.62
CA TYR D 234 4.40 14.33 41.86
C TYR D 234 3.34 13.35 42.35
N VAL D 235 2.52 13.73 43.33
CA VAL D 235 1.59 12.76 43.91
C VAL D 235 0.50 12.39 42.91
N HIS D 236 0.15 13.30 42.01
CA HIS D 236 -0.88 13.01 41.02
C HIS D 236 -0.34 12.26 39.82
N MET D 237 0.97 12.03 39.75
CA MET D 237 1.57 11.30 38.64
C MET D 237 1.76 9.82 38.92
N VAL D 238 1.70 9.39 40.17
CA VAL D 238 1.93 7.98 40.49
C VAL D 238 0.81 7.11 39.91
N THR D 239 -0.41 7.64 39.87
CA THR D 239 -1.51 6.88 39.29
C THR D 239 -1.42 6.85 37.77
N ILE D 240 -0.83 7.87 37.16
CA ILE D 240 -0.73 7.93 35.70
C ILE D 240 0.31 6.92 35.22
N ASP D 241 -0.05 6.18 34.18
CA ASP D 241 0.88 5.23 33.59
C ASP D 241 2.07 5.97 32.99
N PRO D 242 3.27 5.38 33.06
CA PRO D 242 4.46 6.10 32.56
C PRO D 242 4.38 6.43 31.08
N GLU D 243 3.69 5.62 30.28
CA GLU D 243 3.55 5.91 28.86
C GLU D 243 2.76 7.19 28.63
N ASP D 244 1.72 7.41 29.44
CA ASP D 244 0.84 8.56 29.25
C ASP D 244 1.49 9.87 29.67
N LEU D 245 2.49 9.83 30.54
CA LEU D 245 3.12 11.05 31.04
C LEU D 245 3.80 11.81 29.91
N SER D 246 3.71 13.13 29.96
CA SER D 246 4.44 13.98 29.03
C SER D 246 5.94 13.90 29.31
N PHE D 247 6.74 14.40 28.36
CA PHE D 247 8.18 14.29 28.51
C PHE D 247 8.69 15.08 29.71
N SER D 248 8.20 16.31 29.91
CA SER D 248 8.63 17.08 31.06
C SER D 248 8.21 16.40 32.36
N GLN D 249 6.96 15.94 32.43
CA GLN D 249 6.51 15.23 33.61
C GLN D 249 7.31 13.96 33.84
N LEU D 250 7.59 13.21 32.78
CA LEU D 250 8.34 11.97 32.90
C LEU D 250 9.74 12.23 33.42
N VAL D 251 10.43 13.23 32.86
CA VAL D 251 11.79 13.52 33.29
C VAL D 251 11.80 14.02 34.74
N SER D 252 10.87 14.90 35.11
CA SER D 252 10.84 15.38 36.49
C SER D 252 10.55 14.24 37.47
N PHE D 253 9.61 13.37 37.13
CA PHE D 253 9.29 12.26 38.02
C PHE D 253 10.45 11.28 38.13
N MET D 254 11.11 10.97 37.01
CA MET D 254 12.26 10.08 37.08
C MET D 254 13.38 10.68 37.90
N ASN D 255 13.62 11.99 37.76
CA ASN D 255 14.64 12.64 38.59
C ASN D 255 14.27 12.58 40.06
N TYR D 256 13.01 12.84 40.40
CA TYR D 256 12.58 12.80 41.80
C TYR D 256 12.73 11.39 42.37
N MET D 257 12.34 10.37 41.61
CA MET D 257 12.50 9.00 42.08
C MET D 257 13.95 8.62 42.22
N ARG D 258 14.79 9.00 41.25
CA ARG D 258 16.20 8.63 41.29
C ARG D 258 16.92 9.29 42.46
N GLU D 259 16.54 10.52 42.79
CA GLU D 259 17.21 11.21 43.90
C GLU D 259 16.89 10.58 45.25
N TYR D 260 15.87 9.73 45.33
CA TYR D 260 15.45 9.15 46.60
C TYR D 260 15.18 7.66 46.57
N SER D 261 15.07 7.04 45.40
CA SER D 261 14.79 5.62 45.29
C SER D 261 15.31 5.12 43.95
N GLN D 262 14.86 3.94 43.54
CA GLN D 262 15.23 3.36 42.26
C GLN D 262 14.09 3.53 41.28
N VAL D 263 14.39 4.04 40.09
CA VAL D 263 13.38 4.25 39.06
C VAL D 263 12.98 2.91 38.47
N PRO D 264 11.69 2.60 38.38
CA PRO D 264 11.28 1.33 37.76
C PRO D 264 11.62 1.29 36.28
N LYS D 265 11.83 0.08 35.78
CA LYS D 265 12.16 -0.10 34.38
C LYS D 265 11.01 0.31 33.46
N THR D 266 9.78 0.28 33.94
CA THR D 266 8.65 0.73 33.14
C THR D 266 8.66 2.23 32.91
N TYR D 267 9.41 2.99 33.71
CA TYR D 267 9.60 4.41 33.47
C TYR D 267 10.77 4.68 32.55
N GLN D 268 11.87 3.92 32.68
CA GLN D 268 12.96 4.04 31.72
C GLN D 268 12.50 3.68 30.32
N LEU D 269 11.67 2.64 30.19
CA LEU D 269 11.15 2.28 28.89
C LEU D 269 10.30 3.41 28.30
N ALA D 270 9.44 4.01 29.11
CA ALA D 270 8.61 5.11 28.61
C ALA D 270 9.48 6.30 28.21
N PHE D 271 10.51 6.60 28.99
CA PHE D 271 11.42 7.68 28.66
C PHE D 271 12.10 7.43 27.32
N TRP D 272 12.52 6.19 27.08
CA TRP D 272 13.20 5.88 25.83
C TRP D 272 12.25 5.82 24.64
N LYS D 273 10.99 5.43 24.85
CA LYS D 273 10.03 5.53 23.75
C LYS D 273 9.63 6.96 23.44
N LYS D 274 9.68 7.86 24.43
CA LYS D 274 9.39 9.26 24.18
C LYS D 274 10.55 10.02 23.56
N VAL D 275 11.79 9.73 23.98
CA VAL D 275 12.93 10.45 23.43
C VAL D 275 13.29 9.93 22.05
N ALA D 276 12.77 8.77 21.65
CA ALA D 276 13.06 8.18 20.36
C ALA D 276 11.87 8.17 19.42
N SER D 277 10.85 8.97 19.70
CA SER D 277 9.70 9.04 18.79
C SER D 277 9.97 9.94 17.58
N PRO D 278 10.59 11.12 17.73
CA PRO D 278 10.95 11.88 16.51
C PRO D 278 11.88 11.13 15.59
N PHE D 279 12.87 10.43 16.15
CA PHE D 279 13.79 9.64 15.34
C PHE D 279 13.09 8.48 14.67
N ALA D 280 12.16 7.81 15.35
CA ALA D 280 11.36 6.77 14.71
C ALA D 280 10.50 7.32 13.58
N LEU D 281 9.90 8.50 13.77
CA LEU D 281 9.13 9.12 12.69
C LEU D 281 10.00 9.43 11.48
N ILE D 282 11.17 10.03 11.70
CA ILE D 282 12.05 10.39 10.60
C ILE D 282 12.57 9.14 9.89
N THR D 283 12.94 8.11 10.66
CA THR D 283 13.41 6.87 10.06
C THR D 283 12.30 6.20 9.25
N LEU D 284 11.06 6.24 9.75
CA LEU D 284 9.94 5.66 9.02
C LEU D 284 9.69 6.41 7.71
N VAL D 285 9.79 7.74 7.74
CA VAL D 285 9.65 8.53 6.51
C VAL D 285 10.78 8.18 5.53
N LEU D 286 12.00 8.03 6.03
CA LEU D 286 13.12 7.67 5.16
C LEU D 286 12.92 6.29 4.54
N VAL D 287 12.39 5.35 5.33
CA VAL D 287 12.09 4.03 4.80
C VAL D 287 11.02 4.11 3.73
N ALA D 288 10.00 4.95 3.93
CA ALA D 288 8.98 5.14 2.92
C ALA D 288 9.57 5.70 1.63
N CYS D 289 10.45 6.69 1.74
CA CYS D 289 11.10 7.25 0.56
C CYS D 289 11.94 6.22 -0.16
N SER D 290 12.72 5.43 0.58
CA SER D 290 13.56 4.41 -0.03
C SER D 290 12.72 3.34 -0.70
N PHE D 291 11.57 2.98 -0.13
CA PHE D 291 10.67 2.04 -0.78
C PHE D 291 10.11 2.62 -2.06
N ILE D 292 9.74 3.90 -2.06
CA ILE D 292 9.22 4.53 -3.26
C ILE D 292 10.28 4.53 -4.37
N PHE D 293 11.52 4.88 -4.01
CA PHE D 293 12.60 4.85 -5.00
C PHE D 293 13.06 3.45 -5.36
N GLY D 294 12.73 2.45 -4.54
CA GLY D 294 13.23 1.12 -4.75
C GLY D 294 12.14 0.11 -5.08
N PRO D 295 11.83 -0.77 -4.11
CA PRO D 295 10.89 -1.86 -4.39
C PRO D 295 9.51 -1.40 -4.84
N LEU D 296 8.98 -0.32 -4.27
CA LEU D 296 7.65 0.15 -4.59
C LEU D 296 7.62 1.11 -5.77
N ARG D 297 8.65 1.08 -6.61
CA ARG D 297 8.67 1.87 -7.82
C ARG D 297 7.87 1.17 -8.92
N GLN D 298 7.11 1.96 -9.67
CA GLN D 298 6.24 1.52 -10.76
C GLN D 298 5.05 0.70 -10.28
N GLN D 299 4.90 0.50 -8.97
CA GLN D 299 3.71 -0.17 -8.47
C GLN D 299 2.53 0.79 -8.43
N SER D 300 1.33 0.22 -8.35
CA SER D 300 0.13 1.02 -8.27
C SER D 300 0.04 1.72 -6.92
N MET D 301 -0.79 2.75 -6.86
CA MET D 301 -0.97 3.48 -5.60
C MET D 301 -1.65 2.62 -4.54
N GLY D 302 -2.58 1.76 -4.94
CA GLY D 302 -3.21 0.88 -3.97
C GLY D 302 -2.23 -0.08 -3.34
N PHE D 303 -1.33 -0.65 -4.15
CA PHE D 303 -0.30 -1.53 -3.60
C PHE D 303 0.66 -0.76 -2.70
N ARG D 304 1.02 0.46 -3.08
CA ARG D 304 1.87 1.27 -2.22
C ARG D 304 1.21 1.55 -0.89
N LEU D 305 -0.08 1.87 -0.89
CA LEU D 305 -0.79 2.12 0.36
C LEU D 305 -0.90 0.85 1.20
N VAL D 306 -1.14 -0.29 0.56
CA VAL D 306 -1.21 -1.56 1.30
C VAL D 306 0.14 -1.87 1.95
N ILE D 307 1.23 -1.68 1.21
CA ILE D 307 2.56 -1.93 1.77
C ILE D 307 2.87 -0.93 2.88
N ALA D 308 2.41 0.31 2.73
CA ALA D 308 2.61 1.30 3.79
C ALA D 308 1.86 0.89 5.06
N LEU D 309 0.64 0.40 4.92
CA LEU D 309 -0.09 -0.12 6.08
C LEU D 309 0.62 -1.32 6.70
N PHE D 310 1.14 -2.23 5.88
CA PHE D 310 1.88 -3.37 6.40
C PHE D 310 3.12 -2.93 7.16
N ILE D 311 3.86 -1.96 6.62
CA ILE D 311 5.06 -1.48 7.30
C ILE D 311 4.70 -0.76 8.60
N GLY D 312 3.61 0.01 8.59
CA GLY D 312 3.18 0.67 9.82
C GLY D 312 2.81 -0.32 10.90
N LEU D 313 2.02 -1.35 10.53
CA LEU D 313 1.67 -2.38 11.50
C LEU D 313 2.89 -3.14 11.98
N GLY D 314 3.81 -3.49 11.08
CA GLY D 314 5.00 -4.20 11.49
C GLY D 314 5.85 -3.38 12.45
N PHE D 315 6.02 -2.09 12.16
CA PHE D 315 6.81 -1.24 13.03
C PHE D 315 6.14 -1.06 14.39
N TYR D 316 4.81 -0.87 14.41
CA TYR D 316 4.12 -0.72 15.68
C TYR D 316 4.20 -2.00 16.51
N TYR D 317 3.98 -3.15 15.87
CA TYR D 317 4.09 -4.42 16.59
C TYR D 317 5.51 -4.65 17.10
N LEU D 318 6.52 -4.37 16.27
CA LEU D 318 7.90 -4.58 16.70
C LEU D 318 8.26 -3.67 17.86
N GLN D 319 7.88 -2.39 17.79
CA GLN D 319 8.21 -1.49 18.88
C GLN D 319 7.46 -1.86 20.16
N ASP D 320 6.19 -2.27 20.05
CA ASP D 320 5.45 -2.70 21.23
C ASP D 320 6.07 -3.96 21.83
N PHE D 321 6.42 -4.94 21.00
CA PHE D 321 6.99 -6.18 21.50
C PHE D 321 8.33 -5.95 22.16
N LEU D 322 9.18 -5.13 21.56
CA LEU D 322 10.49 -4.88 22.15
C LEU D 322 10.41 -3.95 23.35
N GLY D 323 9.36 -3.13 23.44
CA GLY D 323 9.10 -2.45 24.70
C GLY D 323 8.70 -3.42 25.80
N TYR D 324 7.83 -4.37 25.47
CA TYR D 324 7.46 -5.39 26.44
C TYR D 324 8.64 -6.29 26.79
N ALA D 325 9.45 -6.64 25.78
CA ALA D 325 10.62 -7.48 26.03
C ALA D 325 11.69 -6.75 26.82
N SER D 326 11.69 -5.42 26.82
CA SER D 326 12.67 -4.67 27.59
C SER D 326 12.39 -4.70 29.08
N LEU D 327 11.15 -4.92 29.48
CA LEU D 327 10.78 -4.99 30.89
C LEU D 327 11.07 -6.35 31.51
N VAL D 328 11.35 -7.37 30.70
CA VAL D 328 11.58 -8.71 31.22
C VAL D 328 13.02 -9.17 31.02
N TYR D 329 13.79 -8.57 30.13
CA TYR D 329 15.17 -8.94 29.90
C TYR D 329 16.12 -7.92 30.52
N ASN D 330 17.33 -8.39 30.80
CA ASN D 330 18.29 -7.58 31.56
C ASN D 330 18.69 -6.27 30.88
N PRO D 331 19.04 -6.21 29.59
CA PRO D 331 19.61 -4.98 29.04
C PRO D 331 18.66 -3.79 29.14
N SER D 332 19.24 -2.61 29.00
CA SER D 332 18.50 -1.37 29.14
C SER D 332 17.45 -1.24 28.02
N PRO D 333 16.34 -0.56 28.29
CA PRO D 333 15.34 -0.35 27.23
C PRO D 333 15.84 0.49 26.07
N ALA D 334 16.99 1.17 26.22
CA ALA D 334 17.55 1.93 25.10
C ALA D 334 17.88 1.00 23.93
N TRP D 335 18.44 -0.17 24.21
CA TRP D 335 18.74 -1.12 23.16
C TRP D 335 17.47 -1.57 22.43
N PHE D 336 16.40 -1.84 23.20
CA PHE D 336 15.18 -2.35 22.61
C PHE D 336 14.37 -1.27 21.90
N VAL D 337 14.60 -0.01 22.21
CA VAL D 337 13.83 1.06 21.58
C VAL D 337 14.59 1.66 20.40
N LEU D 338 15.85 2.03 20.61
CA LEU D 338 16.68 2.59 19.56
C LEU D 338 17.23 1.56 18.61
N GLY D 339 17.05 0.27 18.90
CA GLY D 339 17.51 -0.78 18.04
C GLY D 339 16.78 -0.84 16.71
N PRO D 340 15.46 -1.02 16.75
CA PRO D 340 14.69 -1.03 15.50
C PRO D 340 14.85 0.24 14.69
N ILE D 341 14.93 1.40 15.36
CA ILE D 341 15.07 2.66 14.63
C ILE D 341 16.38 2.69 13.86
N VAL D 342 17.48 2.31 14.51
CA VAL D 342 18.78 2.31 13.84
C VAL D 342 18.80 1.29 12.71
N LEU D 343 18.24 0.10 12.95
CA LEU D 343 18.23 -0.93 11.91
C LEU D 343 17.41 -0.50 10.71
N MET D 344 16.25 0.12 10.94
CA MET D 344 15.42 0.56 9.82
C MET D 344 16.05 1.74 9.10
N PHE D 345 16.75 2.61 9.82
CA PHE D 345 17.48 3.68 9.15
C PHE D 345 18.58 3.10 8.27
N VAL D 346 19.29 2.09 8.75
CA VAL D 346 20.34 1.47 7.94
C VAL D 346 19.73 0.80 6.71
N ALA D 347 18.61 0.10 6.89
CA ALA D 347 17.97 -0.55 5.75
C ALA D 347 17.49 0.46 4.73
N GLY D 348 16.88 1.55 5.18
CA GLY D 348 16.42 2.57 4.24
C GLY D 348 17.56 3.28 3.54
N SER D 349 18.65 3.55 4.26
CA SER D 349 19.83 4.13 3.64
C SER D 349 20.46 3.21 2.61
N TYR D 350 20.50 1.90 2.89
CA TYR D 350 21.00 0.96 1.89
C TYR D 350 20.08 0.90 0.67
N LEU D 351 18.77 0.87 0.89
CA LEU D 351 17.84 0.86 -0.25
C LEU D 351 17.95 2.13 -1.06
N LEU D 352 18.30 3.25 -0.42
CA LEU D 352 18.58 4.48 -1.16
C LEU D 352 19.91 4.39 -1.90
N TYR D 353 20.87 3.67 -1.35
CA TYR D 353 22.14 3.47 -2.06
C TYR D 353 21.95 2.65 -3.32
N ARG D 354 21.05 1.67 -3.29
CA ARG D 354 20.75 0.90 -4.50
C ARG D 354 20.04 1.72 -5.55
N ALA D 355 19.57 2.93 -5.21
CA ALA D 355 18.95 3.86 -6.15
C ALA D 355 17.74 3.24 -6.83
#